data_2Y58
#
_entry.id   2Y58
#
_cell.length_a   213.330
_cell.length_b   213.330
_cell.length_c   213.330
_cell.angle_alpha   90.00
_cell.angle_beta   90.00
_cell.angle_gamma   90.00
#
_symmetry.space_group_name_H-M   'I 2 3'
#
loop_
_entity.id
_entity.type
_entity.pdbx_description
1 polymer 'SOLUBLE ACETYLCHOLINE RECEPTOR'
2 non-polymer '[(1R,5S)-8-[(2R)-2-HYDROXY-2-PHENYL-ETHYL]-8-METHYL-8-AZONIABICYCLO[3.2.1]OCTAN-3-YL] BENZOATE'
3 non-polymer 'CHLORIDE ION'
4 non-polymer 'SULFATE ION'
#
_entity_poly.entity_id   1
_entity_poly.type   'polypeptide(L)'
_entity_poly.pdbx_seq_one_letter_code
;QANLMRLKSDLFNRSPMYPGPTKDDPLTVTLGFTLQDIVKVDSSTNEVDLVYYEQQRWKLNSLMWDPNEYGNITDFRTSA
ADIWTPDITAYSSTRPVQVLSPQIAVVTHDGSVMFIPAQRLSFMCDPTGVDSEEGVTCAVKFGSWVYSGFEIDLKTDTDQ
VDLSSYYASSKYEILSATQTRQVQHYSCCPEPYIDVNLVVKFRERRAGNGFFRNLFD
;
_entity_poly.pdbx_strand_id   A,B,C,D,E
#
# COMPACT_ATOMS: atom_id res chain seq x y z
N GLN A 1 -2.29 32.53 -5.39
CA GLN A 1 -2.32 33.97 -5.17
C GLN A 1 -1.18 34.41 -4.23
N ALA A 2 -0.46 35.49 -4.64
CA ALA A 2 0.70 36.11 -4.00
C ALA A 2 0.56 36.31 -2.48
N ASN A 3 -0.66 36.64 -2.04
CA ASN A 3 -1.04 36.94 -0.66
C ASN A 3 -1.09 35.65 0.21
N LEU A 4 -1.84 34.61 -0.21
CA LEU A 4 -1.97 33.32 0.51
C LEU A 4 -0.65 32.52 0.53
N MET A 5 0.10 32.55 -0.60
CA MET A 5 1.38 31.87 -0.75
C MET A 5 2.35 32.33 0.36
N ARG A 6 2.39 33.66 0.62
CA ARG A 6 3.24 34.31 1.63
C ARG A 6 2.88 33.84 3.05
N LEU A 7 1.58 33.80 3.40
CA LEU A 7 1.11 33.34 4.72
C LEU A 7 1.49 31.88 4.97
N LYS A 8 1.31 31.01 3.97
CA LYS A 8 1.61 29.59 4.06
C LYS A 8 3.12 29.36 4.29
N SER A 9 3.97 30.25 3.77
CA SER A 9 5.42 30.21 3.97
C SER A 9 5.80 30.73 5.36
N ASP A 10 5.23 31.90 5.75
CA ASP A 10 5.43 32.56 7.05
C ASP A 10 4.92 31.70 8.24
N LEU A 11 3.97 30.77 8.00
CA LEU A 11 3.40 29.92 9.05
C LEU A 11 4.18 28.63 9.27
N PHE A 12 4.45 27.87 8.17
CA PHE A 12 5.08 26.55 8.20
C PHE A 12 6.60 26.55 7.90
N ASN A 13 7.06 27.25 6.84
CA ASN A 13 8.47 27.25 6.44
C ASN A 13 9.34 28.18 7.30
N ARG A 14 8.70 29.09 8.07
CA ARG A 14 9.37 30.03 8.95
C ARG A 14 9.64 29.39 10.31
N SER A 15 8.59 28.88 10.96
CA SER A 15 8.66 28.31 12.31
C SER A 15 8.75 26.76 12.29
N PRO A 16 9.44 26.09 13.27
CA PRO A 16 9.44 24.61 13.28
C PRO A 16 8.04 24.08 13.63
N MET A 17 7.71 22.83 13.20
CA MET A 17 6.38 22.26 13.45
C MET A 17 6.07 22.11 14.97
N TYR A 18 4.77 22.14 15.31
CA TYR A 18 4.22 21.99 16.65
C TYR A 18 4.61 20.59 17.16
N PRO A 19 5.36 20.52 18.29
CA PRO A 19 5.81 19.21 18.78
C PRO A 19 4.73 18.38 19.50
N GLY A 20 3.49 18.85 19.42
CA GLY A 20 2.34 18.22 20.07
C GLY A 20 2.12 18.79 21.46
N PRO A 21 0.99 18.46 22.13
CA PRO A 21 0.75 19.00 23.48
C PRO A 21 1.66 18.40 24.54
N THR A 22 1.76 19.10 25.68
CA THR A 22 2.51 18.68 26.86
C THR A 22 1.59 18.84 28.07
N LYS A 23 2.03 18.44 29.28
CA LYS A 23 1.24 18.62 30.50
C LYS A 23 1.11 20.12 30.82
N ASP A 24 2.16 20.91 30.48
CA ASP A 24 2.27 22.36 30.69
C ASP A 24 1.47 23.14 29.66
N ASP A 25 1.44 22.68 28.41
CA ASP A 25 0.67 23.31 27.35
C ASP A 25 -0.33 22.27 26.78
N PRO A 26 -1.45 21.99 27.47
CA PRO A 26 -2.39 20.97 26.98
C PRO A 26 -3.18 21.42 25.75
N LEU A 27 -4.05 20.52 25.27
CA LEU A 27 -4.89 20.77 24.11
C LEU A 27 -6.22 20.10 24.25
N THR A 28 -7.28 20.78 23.79
CA THR A 28 -8.61 20.21 23.81
C THR A 28 -9.07 20.03 22.39
N VAL A 29 -9.34 18.76 22.02
CA VAL A 29 -9.83 18.41 20.69
C VAL A 29 -11.33 18.13 20.79
N THR A 30 -12.12 18.83 19.96
CA THR A 30 -13.56 18.66 19.90
C THR A 30 -13.88 17.65 18.85
N LEU A 31 -14.58 16.58 19.25
CA LEU A 31 -14.94 15.46 18.38
C LEU A 31 -16.42 15.42 18.06
N GLY A 32 -16.74 14.86 16.90
CA GLY A 32 -18.11 14.76 16.44
C GLY A 32 -18.25 13.78 15.30
N PHE A 33 -19.29 12.95 15.36
CA PHE A 33 -19.53 11.92 14.36
C PHE A 33 -20.81 12.14 13.57
N THR A 34 -20.69 11.91 12.26
CA THR A 34 -21.78 11.93 11.30
C THR A 34 -21.83 10.55 10.71
N LEU A 35 -22.82 9.72 11.13
CA LEU A 35 -22.98 8.34 10.68
C LEU A 35 -23.71 8.29 9.34
N GLN A 36 -23.11 7.59 8.37
CA GLN A 36 -23.60 7.49 7.00
C GLN A 36 -24.27 6.15 6.70
N ASP A 37 -23.67 5.03 7.12
CA ASP A 37 -24.23 3.69 6.86
C ASP A 37 -23.60 2.63 7.76
N ILE A 38 -24.39 1.58 8.06
CA ILE A 38 -23.99 0.32 8.69
C ILE A 38 -24.01 -0.64 7.50
N VAL A 39 -22.83 -0.82 6.88
CA VAL A 39 -22.68 -1.56 5.64
C VAL A 39 -22.86 -3.05 5.81
N LYS A 40 -22.13 -3.61 6.76
CA LYS A 40 -22.00 -5.04 6.96
C LYS A 40 -22.09 -5.39 8.45
N VAL A 41 -22.56 -6.61 8.74
CA VAL A 41 -22.65 -7.21 10.06
C VAL A 41 -22.19 -8.67 9.87
N ASP A 42 -21.07 -9.06 10.52
CA ASP A 42 -20.56 -10.43 10.39
C ASP A 42 -20.76 -11.16 11.70
N SER A 43 -21.89 -11.88 11.79
CA SER A 43 -22.30 -12.63 12.97
C SER A 43 -21.33 -13.77 13.34
N SER A 44 -20.49 -14.24 12.39
CA SER A 44 -19.57 -15.35 12.67
C SER A 44 -18.25 -14.90 13.31
N THR A 45 -17.94 -13.58 13.22
CA THR A 45 -16.71 -12.99 13.81
C THR A 45 -17.03 -11.82 14.79
N ASN A 46 -18.33 -11.43 14.87
CA ASN A 46 -18.84 -10.30 15.67
C ASN A 46 -18.04 -9.02 15.32
N GLU A 47 -17.99 -8.73 14.01
CA GLU A 47 -17.37 -7.56 13.39
C GLU A 47 -18.46 -6.76 12.66
N VAL A 48 -18.56 -5.47 12.93
CA VAL A 48 -19.56 -4.63 12.25
C VAL A 48 -18.84 -3.47 11.54
N ASP A 49 -19.23 -3.19 10.28
CA ASP A 49 -18.63 -2.15 9.46
C ASP A 49 -19.48 -0.85 9.41
N LEU A 50 -18.86 0.28 9.79
CA LEU A 50 -19.51 1.59 9.73
C LEU A 50 -18.83 2.50 8.72
N VAL A 51 -19.61 3.34 8.07
CA VAL A 51 -19.14 4.40 7.17
C VAL A 51 -19.63 5.67 7.81
N TYR A 52 -18.71 6.59 8.12
CA TYR A 52 -18.99 7.85 8.81
C TYR A 52 -17.88 8.84 8.56
N TYR A 53 -18.10 10.09 8.96
CA TYR A 53 -17.04 11.08 8.91
C TYR A 53 -16.94 11.68 10.29
N GLU A 54 -15.72 11.95 10.71
CA GLU A 54 -15.40 12.38 12.05
C GLU A 54 -14.87 13.81 12.07
N GLN A 55 -15.64 14.77 12.62
CA GLN A 55 -15.20 16.16 12.66
C GLN A 55 -14.27 16.41 13.85
N GLN A 56 -13.00 16.68 13.53
CA GLN A 56 -11.93 16.98 14.48
C GLN A 56 -11.77 18.50 14.53
N ARG A 57 -11.51 19.09 15.70
CA ARG A 57 -11.33 20.54 15.84
C ARG A 57 -10.41 20.86 17.03
N TRP A 58 -9.40 21.73 16.81
CA TRP A 58 -8.47 22.19 17.84
C TRP A 58 -7.96 23.59 17.48
N LYS A 59 -7.31 24.28 18.44
CA LYS A 59 -6.77 25.64 18.24
C LYS A 59 -5.28 25.69 18.64
N LEU A 60 -4.44 26.30 17.80
CA LEU A 60 -3.01 26.45 18.08
C LEU A 60 -2.61 27.89 18.02
N ASN A 61 -1.88 28.37 19.04
CA ASN A 61 -1.44 29.77 19.07
C ASN A 61 -0.40 29.98 17.97
N SER A 62 0.37 28.91 17.66
CA SER A 62 1.39 28.88 16.62
C SER A 62 0.79 29.06 15.21
N LEU A 63 -0.54 28.92 15.08
CA LEU A 63 -1.23 29.03 13.78
C LEU A 63 -2.09 30.29 13.64
N MET A 64 -1.90 31.26 14.55
CA MET A 64 -2.62 32.54 14.51
C MET A 64 -1.95 33.49 13.53
N TRP A 65 -2.72 34.41 12.92
CA TRP A 65 -2.19 35.44 12.02
C TRP A 65 -3.12 36.66 11.94
N ASP A 66 -2.55 37.83 11.58
CA ASP A 66 -3.32 39.06 11.41
C ASP A 66 -3.79 39.14 9.96
N PRO A 67 -5.10 38.91 9.69
CA PRO A 67 -5.61 38.93 8.30
C PRO A 67 -5.27 40.21 7.49
N ASN A 68 -5.28 41.42 8.11
CA ASN A 68 -4.96 42.69 7.45
C ASN A 68 -3.51 42.72 6.91
N GLU A 69 -2.59 41.98 7.57
CA GLU A 69 -1.18 41.86 7.17
C GLU A 69 -0.99 40.85 6.04
N TYR A 70 -2.08 40.12 5.67
CA TYR A 70 -2.06 39.09 4.62
C TYR A 70 -3.28 39.19 3.68
N GLY A 71 -3.57 40.41 3.21
CA GLY A 71 -4.66 40.70 2.27
C GLY A 71 -6.05 40.22 2.64
N ASN A 72 -6.51 40.57 3.87
CA ASN A 72 -7.81 40.25 4.47
C ASN A 72 -8.22 38.75 4.31
N ILE A 73 -7.24 37.83 4.43
CA ILE A 73 -7.46 36.38 4.35
C ILE A 73 -7.81 35.91 5.76
N THR A 74 -9.01 35.37 5.92
CA THR A 74 -9.47 34.88 7.23
C THR A 74 -9.10 33.41 7.46
N ASP A 75 -9.11 32.58 6.38
CA ASP A 75 -8.85 31.15 6.46
C ASP A 75 -8.25 30.60 5.16
N PHE A 76 -7.83 29.30 5.18
CA PHE A 76 -7.27 28.58 4.03
C PHE A 76 -7.27 27.06 4.26
N ARG A 77 -7.28 26.33 3.14
CA ARG A 77 -7.22 24.86 3.11
C ARG A 77 -5.75 24.43 2.92
N THR A 78 -5.35 23.31 3.54
CA THR A 78 -3.99 22.80 3.44
C THR A 78 -3.94 21.29 3.70
N SER A 79 -2.89 20.61 3.17
CA SER A 79 -2.71 19.19 3.37
C SER A 79 -2.52 18.90 4.84
N ALA A 80 -3.15 17.81 5.34
CA ALA A 80 -3.07 17.38 6.73
C ALA A 80 -1.63 16.98 7.09
N ALA A 81 -0.76 16.83 6.07
CA ALA A 81 0.66 16.52 6.20
C ALA A 81 1.45 17.73 6.65
N ASP A 82 1.04 18.93 6.18
CA ASP A 82 1.65 20.24 6.49
C ASP A 82 1.46 20.68 7.96
N ILE A 83 0.55 20.01 8.69
CA ILE A 83 0.22 20.38 10.05
C ILE A 83 0.17 19.18 11.00
N TRP A 84 0.25 19.46 12.32
CA TRP A 84 0.10 18.48 13.37
C TRP A 84 -1.38 18.11 13.43
N THR A 85 -1.67 16.81 13.64
CA THR A 85 -3.02 16.29 13.74
C THR A 85 -3.11 15.34 14.93
N PRO A 86 -4.24 15.34 15.68
CA PRO A 86 -4.33 14.47 16.87
C PRO A 86 -4.45 13.00 16.50
N ASP A 87 -3.82 12.12 17.31
CA ASP A 87 -3.80 10.68 17.09
C ASP A 87 -5.07 10.01 17.65
N ILE A 88 -6.26 10.50 17.24
CA ILE A 88 -7.54 9.93 17.66
C ILE A 88 -7.68 8.59 16.96
N THR A 89 -7.75 7.50 17.77
CA THR A 89 -7.77 6.09 17.37
C THR A 89 -8.99 5.33 17.93
N ALA A 90 -9.55 4.37 17.14
CA ALA A 90 -10.65 3.51 17.59
C ALA A 90 -10.05 2.37 18.44
N TYR A 91 -10.52 2.27 19.67
CA TYR A 91 -9.98 1.33 20.64
C TYR A 91 -10.40 -0.15 20.42
N SER A 92 -11.42 -0.43 19.57
CA SER A 92 -11.87 -1.81 19.33
C SER A 92 -11.97 -2.14 17.85
N SER A 93 -11.09 -1.54 17.00
CA SER A 93 -11.09 -1.86 15.55
C SER A 93 -10.51 -3.26 15.32
N THR A 94 -10.89 -3.92 14.21
CA THR A 94 -10.41 -5.28 13.93
C THR A 94 -9.58 -5.31 12.67
N ARG A 95 -9.63 -4.22 11.89
CA ARG A 95 -8.87 -4.04 10.65
C ARG A 95 -8.50 -2.56 10.52
N PRO A 96 -7.37 -2.21 9.86
CA PRO A 96 -7.00 -0.78 9.74
C PRO A 96 -8.11 0.05 9.10
N VAL A 97 -8.39 1.23 9.67
CA VAL A 97 -9.41 2.14 9.16
C VAL A 97 -9.08 2.50 7.70
N GLN A 98 -10.11 2.57 6.85
CA GLN A 98 -9.97 2.91 5.43
C GLN A 98 -10.39 4.35 5.24
N VAL A 99 -9.49 5.20 4.74
CA VAL A 99 -9.83 6.61 4.53
C VAL A 99 -10.61 6.80 3.21
N LEU A 100 -11.75 7.48 3.30
CA LEU A 100 -12.64 7.71 2.16
C LEU A 100 -12.67 9.18 1.68
N SER A 101 -11.95 10.10 2.38
CA SER A 101 -11.90 11.52 2.01
C SER A 101 -10.46 12.05 1.80
N PRO A 102 -10.28 13.21 1.07
CA PRO A 102 -8.95 13.81 0.93
C PRO A 102 -8.37 14.27 2.28
N GLN A 103 -7.03 14.17 2.41
CA GLN A 103 -6.31 14.55 3.63
C GLN A 103 -6.01 16.05 3.60
N ILE A 104 -7.08 16.85 3.64
CA ILE A 104 -7.02 18.31 3.65
C ILE A 104 -7.77 18.82 4.89
N ALA A 105 -7.19 19.85 5.55
CA ALA A 105 -7.76 20.51 6.71
C ALA A 105 -7.89 22.00 6.44
N VAL A 106 -8.74 22.69 7.19
CA VAL A 106 -8.95 24.12 7.00
C VAL A 106 -8.51 24.86 8.28
N VAL A 107 -7.56 25.80 8.11
CA VAL A 107 -6.96 26.63 9.17
C VAL A 107 -7.56 28.04 9.10
N THR A 108 -7.92 28.62 10.27
CA THR A 108 -8.50 29.97 10.39
C THR A 108 -7.52 30.89 11.15
N HIS A 109 -7.58 32.22 10.91
CA HIS A 109 -6.68 33.25 11.46
C HIS A 109 -6.55 33.22 12.99
N ASP A 110 -7.56 32.70 13.71
CA ASP A 110 -7.54 32.59 15.18
C ASP A 110 -6.70 31.36 15.64
N GLY A 111 -6.19 30.61 14.68
CA GLY A 111 -5.38 29.42 14.92
C GLY A 111 -6.18 28.14 15.03
N SER A 112 -7.52 28.21 14.85
CA SER A 112 -8.37 27.01 14.93
C SER A 112 -8.29 26.18 13.62
N VAL A 113 -8.14 24.85 13.78
CA VAL A 113 -8.01 23.89 12.68
C VAL A 113 -9.21 22.97 12.66
N MET A 114 -9.68 22.62 11.46
CA MET A 114 -10.77 21.67 11.32
C MET A 114 -10.41 20.62 10.33
N PHE A 115 -10.59 19.37 10.74
CA PHE A 115 -10.27 18.23 9.91
C PHE A 115 -11.46 17.28 9.93
N ILE A 116 -11.98 16.91 8.75
CA ILE A 116 -13.18 16.08 8.69
C ILE A 116 -12.88 14.73 7.94
N PRO A 117 -12.10 13.79 8.54
CA PRO A 117 -11.82 12.54 7.85
C PRO A 117 -13.00 11.56 7.73
N ALA A 118 -13.37 11.21 6.47
CA ALA A 118 -14.39 10.19 6.20
C ALA A 118 -13.70 8.83 6.27
N GLN A 119 -14.35 7.83 6.86
CA GLN A 119 -13.73 6.50 6.96
C GLN A 119 -14.70 5.33 7.10
N ARG A 120 -14.20 4.13 6.75
CA ARG A 120 -14.86 2.84 6.89
C ARG A 120 -14.17 2.10 8.04
N LEU A 121 -14.95 1.75 9.10
CA LEU A 121 -14.41 1.10 10.28
C LEU A 121 -15.05 -0.26 10.57
N SER A 122 -14.19 -1.28 10.85
CA SER A 122 -14.59 -2.63 11.27
C SER A 122 -14.25 -2.76 12.71
N PHE A 123 -15.25 -2.94 13.55
CA PHE A 123 -15.02 -3.02 14.99
C PHE A 123 -15.78 -4.17 15.64
N MET A 124 -15.34 -4.53 16.84
CA MET A 124 -15.90 -5.59 17.68
C MET A 124 -17.28 -5.20 18.17
N CYS A 125 -18.29 -5.97 17.71
CA CYS A 125 -19.70 -5.76 17.98
C CYS A 125 -20.47 -7.06 17.78
N ASP A 126 -21.13 -7.58 18.83
CA ASP A 126 -21.94 -8.79 18.73
C ASP A 126 -23.32 -8.39 18.20
N PRO A 127 -23.67 -8.83 16.96
CA PRO A 127 -24.95 -8.38 16.37
C PRO A 127 -26.15 -9.26 16.72
N THR A 128 -26.01 -10.16 17.71
CA THR A 128 -27.07 -11.08 18.11
C THR A 128 -28.31 -10.29 18.50
N GLY A 129 -29.39 -10.51 17.74
CA GLY A 129 -30.67 -9.86 17.97
C GLY A 129 -30.96 -8.66 17.11
N VAL A 130 -30.12 -8.40 16.07
CA VAL A 130 -30.31 -7.28 15.14
C VAL A 130 -31.61 -7.50 14.33
N ASP A 131 -32.02 -8.78 14.15
CA ASP A 131 -33.20 -9.25 13.45
C ASP A 131 -34.49 -9.02 14.25
N SER A 132 -34.39 -8.64 15.53
CA SER A 132 -35.55 -8.37 16.39
C SER A 132 -36.06 -6.93 16.24
N GLU A 133 -37.30 -6.67 16.75
CA GLU A 133 -37.95 -5.35 16.75
C GLU A 133 -37.19 -4.42 17.71
N GLU A 134 -36.68 -4.97 18.82
CA GLU A 134 -35.90 -4.27 19.85
C GLU A 134 -34.53 -3.82 19.32
N GLY A 135 -33.92 -4.63 18.44
CA GLY A 135 -32.62 -4.35 17.85
C GLY A 135 -31.44 -4.76 18.74
N VAL A 136 -30.22 -4.35 18.33
CA VAL A 136 -28.97 -4.63 19.04
C VAL A 136 -28.21 -3.30 19.26
N THR A 137 -27.43 -3.21 20.35
CA THR A 137 -26.64 -2.03 20.68
C THR A 137 -25.16 -2.35 20.63
N CYS A 138 -24.36 -1.42 20.10
CA CYS A 138 -22.91 -1.59 19.97
C CYS A 138 -22.20 -0.29 20.19
N ALA A 139 -20.97 -0.38 20.74
CA ALA A 139 -20.16 0.79 21.05
C ALA A 139 -18.71 0.62 20.64
N VAL A 140 -18.03 1.77 20.42
CA VAL A 140 -16.61 1.88 20.06
C VAL A 140 -16.06 3.20 20.64
N LYS A 141 -14.92 3.10 21.35
CA LYS A 141 -14.29 4.25 21.97
C LYS A 141 -13.24 4.84 21.05
N PHE A 142 -13.17 6.16 21.02
CA PHE A 142 -12.21 6.91 20.21
C PHE A 142 -11.41 7.81 21.11
N GLY A 143 -10.09 7.83 20.93
CA GLY A 143 -9.23 8.66 21.75
C GLY A 143 -7.77 8.59 21.37
N SER A 144 -6.93 9.39 22.05
CA SER A 144 -5.51 9.40 21.77
C SER A 144 -4.88 8.06 22.16
N TRP A 145 -3.91 7.61 21.37
CA TRP A 145 -3.22 6.37 21.65
C TRP A 145 -2.02 6.62 22.58
N VAL A 146 -1.44 7.84 22.55
CA VAL A 146 -0.24 8.17 23.34
C VAL A 146 -0.44 9.29 24.37
N TYR A 147 -1.38 10.20 24.14
CA TYR A 147 -1.54 11.33 25.05
C TYR A 147 -2.61 11.08 26.12
N SER A 148 -2.27 11.34 27.39
CA SER A 148 -3.18 11.18 28.52
C SER A 148 -4.26 12.29 28.56
N GLY A 149 -4.90 12.42 29.70
CA GLY A 149 -5.91 13.46 29.90
C GLY A 149 -5.27 14.81 30.12
N PHE A 150 -4.09 14.83 30.77
CA PHE A 150 -3.28 16.01 31.10
C PHE A 150 -2.59 16.65 29.86
N GLU A 151 -2.58 15.93 28.72
CA GLU A 151 -1.97 16.40 27.48
C GLU A 151 -3.09 16.71 26.46
N ILE A 152 -3.94 15.72 26.14
CA ILE A 152 -5.04 15.92 25.20
C ILE A 152 -6.36 15.69 25.94
N ASP A 153 -7.26 16.67 25.86
CA ASP A 153 -8.60 16.58 26.41
C ASP A 153 -9.56 16.50 25.24
N LEU A 154 -10.66 15.75 25.40
CA LEU A 154 -11.68 15.60 24.36
C LEU A 154 -13.00 16.19 24.82
N LYS A 155 -13.78 16.74 23.89
CA LYS A 155 -15.11 17.29 24.18
C LYS A 155 -16.02 17.11 22.96
N THR A 156 -17.34 17.16 23.16
CA THR A 156 -18.31 17.06 22.07
C THR A 156 -19.21 18.27 22.11
N ASP A 157 -19.58 18.81 20.93
CA ASP A 157 -20.49 19.96 20.92
C ASP A 157 -21.93 19.48 21.20
N THR A 158 -22.21 18.19 20.98
CA THR A 158 -23.48 17.54 21.22
C THR A 158 -23.27 16.08 21.58
N ASP A 159 -24.16 15.51 22.37
CA ASP A 159 -24.11 14.10 22.75
C ASP A 159 -24.89 13.26 21.70
N GLN A 160 -25.53 13.93 20.70
CA GLN A 160 -26.30 13.28 19.62
C GLN A 160 -25.52 13.24 18.32
N VAL A 161 -25.36 12.01 17.79
CA VAL A 161 -24.63 11.75 16.55
C VAL A 161 -25.47 12.27 15.39
N ASP A 162 -24.82 12.91 14.40
CA ASP A 162 -25.52 13.45 13.24
C ASP A 162 -25.99 12.32 12.33
N LEU A 163 -27.33 12.10 12.30
CA LEU A 163 -27.90 11.05 11.47
C LEU A 163 -28.63 11.62 10.24
N SER A 164 -28.50 12.95 10.03
CA SER A 164 -29.14 13.68 8.93
C SER A 164 -28.70 13.20 7.57
N SER A 165 -27.49 12.62 7.47
CA SER A 165 -26.95 12.13 6.20
C SER A 165 -26.87 10.60 6.20
N TYR A 166 -27.63 9.91 7.11
CA TYR A 166 -27.63 8.44 7.14
C TYR A 166 -28.33 7.91 5.90
N TYR A 167 -27.75 6.85 5.29
CA TYR A 167 -28.21 6.19 4.07
C TYR A 167 -29.62 5.64 4.25
N ALA A 168 -30.55 6.25 3.51
CA ALA A 168 -31.98 5.94 3.54
C ALA A 168 -32.29 4.46 3.25
N SER A 169 -31.64 3.86 2.24
CA SER A 169 -31.91 2.47 1.87
C SER A 169 -30.90 1.50 2.49
N SER A 170 -30.37 1.81 3.71
CA SER A 170 -29.45 0.92 4.42
C SER A 170 -30.18 -0.35 4.86
N LYS A 171 -29.48 -1.49 4.96
CA LYS A 171 -30.09 -2.74 5.43
C LYS A 171 -30.43 -2.63 6.93
N TYR A 172 -29.87 -1.60 7.61
CA TYR A 172 -30.03 -1.38 9.04
C TYR A 172 -30.52 0.03 9.39
N GLU A 173 -31.59 0.09 10.20
CA GLU A 173 -32.23 1.30 10.78
C GLU A 173 -31.48 1.76 12.03
N ILE A 174 -31.28 3.08 12.22
CA ILE A 174 -30.66 3.52 13.48
C ILE A 174 -31.78 3.83 14.47
N LEU A 175 -31.71 3.23 15.66
CA LEU A 175 -32.71 3.46 16.69
C LEU A 175 -32.25 4.62 17.58
N SER A 176 -30.94 4.72 17.80
CA SER A 176 -30.28 5.80 18.54
C SER A 176 -28.77 5.78 18.27
N ALA A 177 -28.15 6.95 18.30
CA ALA A 177 -26.72 7.09 18.11
C ALA A 177 -26.25 8.23 19.01
N THR A 178 -25.30 7.89 19.89
CA THR A 178 -24.81 8.74 20.94
C THR A 178 -23.29 8.89 20.92
N GLN A 179 -22.82 10.09 21.23
CA GLN A 179 -21.40 10.39 21.28
C GLN A 179 -21.09 11.02 22.65
N THR A 180 -20.81 10.17 23.63
CA THR A 180 -20.57 10.62 24.99
C THR A 180 -19.07 10.55 25.39
N ARG A 181 -18.61 11.61 26.11
CA ARG A 181 -17.24 11.73 26.61
C ARG A 181 -17.07 10.84 27.82
N GLN A 182 -15.93 10.16 27.93
CA GLN A 182 -15.61 9.30 29.06
C GLN A 182 -14.22 9.56 29.56
N VAL A 183 -14.04 9.49 30.89
CA VAL A 183 -12.72 9.59 31.50
C VAL A 183 -12.46 8.24 32.21
N GLN A 184 -11.43 7.51 31.77
CA GLN A 184 -11.11 6.18 32.30
C GLN A 184 -9.70 6.12 32.88
N HIS A 185 -9.42 5.01 33.56
CA HIS A 185 -8.12 4.75 34.17
C HIS A 185 -7.66 3.39 33.74
N TYR A 186 -6.43 3.32 33.20
CA TYR A 186 -5.87 2.07 32.74
C TYR A 186 -4.67 1.69 33.61
N SER A 187 -4.37 0.38 33.72
CA SER A 187 -3.29 -0.20 34.54
C SER A 187 -1.92 0.43 34.20
N CYS A 188 -1.64 0.55 32.89
CA CYS A 188 -0.45 1.07 32.23
C CYS A 188 0.09 2.35 32.82
N CYS A 189 -0.82 3.25 33.20
CA CYS A 189 -0.51 4.63 33.44
C CYS A 189 -1.20 5.22 34.67
N PRO A 190 -0.46 6.03 35.45
CA PRO A 190 -1.05 6.70 36.63
C PRO A 190 -2.01 7.86 36.31
N GLU A 191 -1.97 8.36 35.07
CA GLU A 191 -2.78 9.48 34.62
C GLU A 191 -4.05 8.97 33.88
N PRO A 192 -5.19 9.67 34.06
CA PRO A 192 -6.45 9.23 33.40
C PRO A 192 -6.48 9.44 31.87
N TYR A 193 -6.95 8.44 31.10
CA TYR A 193 -7.06 8.59 29.64
C TYR A 193 -8.48 8.93 29.30
N ILE A 194 -8.67 9.93 28.45
CA ILE A 194 -10.04 10.36 28.14
C ILE A 194 -10.39 9.94 26.70
N ASP A 195 -11.70 9.71 26.44
CA ASP A 195 -12.20 9.19 25.15
C ASP A 195 -13.67 9.54 24.88
N VAL A 196 -14.11 9.37 23.61
CA VAL A 196 -15.49 9.63 23.19
C VAL A 196 -16.09 8.27 22.80
N ASN A 197 -17.15 7.87 23.54
CA ASN A 197 -17.82 6.61 23.29
C ASN A 197 -18.97 6.77 22.31
N LEU A 198 -18.81 6.13 21.12
CA LEU A 198 -19.81 6.08 20.04
C LEU A 198 -20.69 4.88 20.29
N VAL A 199 -21.96 5.11 20.65
CA VAL A 199 -22.90 4.03 20.97
C VAL A 199 -24.07 4.07 20.01
N VAL A 200 -24.24 3.02 19.21
CA VAL A 200 -25.35 2.97 18.25
C VAL A 200 -26.24 1.71 18.44
N LYS A 201 -27.55 1.96 18.69
CA LYS A 201 -28.60 0.96 18.78
C LYS A 201 -29.26 0.91 17.39
N PHE A 202 -29.27 -0.27 16.77
CA PHE A 202 -29.77 -0.44 15.41
C PHE A 202 -30.48 -1.80 15.25
N ARG A 203 -31.22 -1.96 14.14
CA ARG A 203 -31.93 -3.20 13.80
C ARG A 203 -32.02 -3.37 12.29
N GLU A 204 -32.48 -4.53 11.81
CA GLU A 204 -32.66 -4.75 10.38
C GLU A 204 -33.91 -3.98 9.95
N ARG A 205 -33.94 -3.40 8.73
CA ARG A 205 -35.05 -2.57 8.22
C ARG A 205 -36.34 -3.38 8.00
N GLN B 1 5.84 26.18 24.07
CA GLN B 1 6.16 24.97 23.29
C GLN B 1 7.61 25.03 22.75
N ALA B 2 8.27 26.21 22.92
CA ALA B 2 9.61 26.56 22.45
C ALA B 2 10.74 25.68 23.04
N ASN B 3 10.60 25.30 24.33
CA ASN B 3 11.57 24.46 25.04
C ASN B 3 11.65 23.07 24.41
N LEU B 4 10.49 22.44 24.16
CA LEU B 4 10.41 21.10 23.56
C LEU B 4 10.97 21.07 22.14
N MET B 5 10.70 22.13 21.34
CA MET B 5 11.18 22.26 19.97
C MET B 5 12.73 22.20 19.94
N ARG B 6 13.40 22.88 20.91
CA ARG B 6 14.86 22.91 21.06
C ARG B 6 15.42 21.50 21.40
N LEU B 7 14.80 20.79 22.38
CA LEU B 7 15.19 19.46 22.84
C LEU B 7 15.17 18.43 21.72
N LYS B 8 14.06 18.40 20.96
CA LYS B 8 13.86 17.48 19.84
C LYS B 8 14.90 17.72 18.74
N SER B 9 15.29 19.00 18.50
CA SER B 9 16.30 19.34 17.49
C SER B 9 17.70 18.92 17.96
N ASP B 10 18.05 19.24 19.23
CA ASP B 10 19.36 18.95 19.82
C ASP B 10 19.62 17.43 19.98
N LEU B 11 18.58 16.61 20.02
CA LEU B 11 18.75 15.18 20.13
C LEU B 11 18.89 14.53 18.74
N PHE B 12 17.87 14.70 17.86
CA PHE B 12 17.78 14.05 16.53
C PHE B 12 18.51 14.78 15.38
N ASN B 13 18.29 16.10 15.23
CA ASN B 13 18.87 16.85 14.10
C ASN B 13 20.35 17.24 14.34
N ARG B 14 20.84 17.13 15.58
CA ARG B 14 22.24 17.47 15.94
C ARG B 14 23.15 16.22 15.84
N SER B 15 22.70 15.05 16.33
CA SER B 15 23.47 13.80 16.33
C SER B 15 22.98 12.84 15.23
N PRO B 16 23.88 12.02 14.58
CA PRO B 16 23.41 11.04 13.56
C PRO B 16 22.56 9.94 14.20
N MET B 17 21.64 9.29 13.43
CA MET B 17 20.78 8.27 14.05
C MET B 17 21.59 7.08 14.62
N TYR B 18 21.04 6.48 15.70
CA TYR B 18 21.54 5.33 16.46
C TYR B 18 21.65 4.17 15.48
N PRO B 19 22.86 3.62 15.28
CA PRO B 19 23.02 2.55 14.27
C PRO B 19 22.50 1.17 14.71
N GLY B 20 21.82 1.11 15.85
CA GLY B 20 21.31 -0.15 16.39
C GLY B 20 22.28 -0.71 17.40
N PRO B 21 21.90 -1.74 18.18
CA PRO B 21 22.84 -2.31 19.14
C PRO B 21 23.99 -3.07 18.47
N THR B 22 25.04 -3.32 19.25
CA THR B 22 26.21 -4.11 18.89
C THR B 22 26.51 -4.99 20.09
N LYS B 23 27.53 -5.86 20.02
CA LYS B 23 27.88 -6.70 21.16
C LYS B 23 28.55 -5.85 22.26
N ASP B 24 29.18 -4.71 21.86
CA ASP B 24 29.84 -3.73 22.73
C ASP B 24 28.81 -2.76 23.34
N ASP B 25 27.68 -2.61 22.67
CA ASP B 25 26.60 -1.75 23.11
C ASP B 25 25.29 -2.55 23.06
N PRO B 26 25.10 -3.55 23.99
CA PRO B 26 23.89 -4.38 23.92
C PRO B 26 22.64 -3.64 24.37
N LEU B 27 21.48 -4.29 24.21
CA LEU B 27 20.21 -3.69 24.53
C LEU B 27 19.24 -4.70 25.03
N THR B 28 18.45 -4.32 26.03
CA THR B 28 17.41 -5.20 26.53
C THR B 28 16.08 -4.56 26.27
N VAL B 29 15.24 -5.28 25.53
CA VAL B 29 13.90 -4.82 25.21
C VAL B 29 12.91 -5.61 26.08
N THR B 30 12.08 -4.89 26.83
CA THR B 30 11.06 -5.49 27.68
C THR B 30 9.78 -5.61 26.88
N LEU B 31 9.26 -6.82 26.76
CA LEU B 31 8.07 -7.12 25.97
C LEU B 31 6.88 -7.48 26.85
N GLY B 32 5.71 -7.23 26.30
CA GLY B 32 4.46 -7.50 26.99
C GLY B 32 3.28 -7.46 26.05
N PHE B 33 2.38 -8.43 26.22
CA PHE B 33 1.20 -8.56 25.41
C PHE B 33 -0.09 -8.33 26.16
N THR B 34 -0.98 -7.58 25.50
CA THR B 34 -2.33 -7.30 25.95
C THR B 34 -3.22 -7.83 24.86
N LEU B 35 -3.87 -8.97 25.10
CA LEU B 35 -4.73 -9.63 24.13
C LEU B 35 -6.15 -9.03 24.17
N GLN B 36 -6.64 -8.62 22.98
CA GLN B 36 -7.92 -7.95 22.84
C GLN B 36 -9.04 -8.84 22.29
N ASP B 37 -8.76 -9.64 21.23
CA ASP B 37 -9.77 -10.51 20.61
C ASP B 37 -9.13 -11.57 19.72
N ILE B 38 -9.81 -12.73 19.63
CA ILE B 38 -9.54 -13.83 18.70
C ILE B 38 -10.68 -13.69 17.72
N VAL B 39 -10.44 -12.98 16.63
CA VAL B 39 -11.48 -12.62 15.66
C VAL B 39 -11.97 -13.80 14.83
N LYS B 40 -11.04 -14.56 14.27
CA LYS B 40 -11.32 -15.59 13.30
C LYS B 40 -10.44 -16.81 13.55
N VAL B 41 -10.95 -17.98 13.13
CA VAL B 41 -10.30 -19.28 13.18
C VAL B 41 -10.61 -19.95 11.83
N ASP B 42 -9.58 -20.25 11.01
CA ASP B 42 -9.79 -20.90 9.73
C ASP B 42 -9.27 -22.32 9.81
N SER B 43 -10.18 -23.26 10.09
CA SER B 43 -9.92 -24.69 10.23
C SER B 43 -9.39 -25.35 8.96
N SER B 44 -9.60 -24.76 7.77
CA SER B 44 -9.15 -25.36 6.52
C SER B 44 -7.67 -25.02 6.20
N THR B 45 -7.12 -23.97 6.83
CA THR B 45 -5.73 -23.53 6.63
C THR B 45 -4.91 -23.51 7.95
N ASN B 46 -5.59 -23.76 9.09
CA ASN B 46 -5.02 -23.71 10.44
C ASN B 46 -4.32 -22.34 10.68
N GLU B 47 -5.07 -21.26 10.40
CA GLU B 47 -4.69 -19.87 10.57
C GLU B 47 -5.63 -19.24 11.57
N VAL B 48 -5.10 -18.60 12.62
CA VAL B 48 -5.91 -17.91 13.63
C VAL B 48 -5.51 -16.45 13.65
N ASP B 49 -6.53 -15.57 13.69
CA ASP B 49 -6.41 -14.11 13.72
C ASP B 49 -6.59 -13.55 15.14
N LEU B 50 -5.57 -12.84 15.59
CA LEU B 50 -5.47 -12.18 16.89
C LEU B 50 -5.50 -10.68 16.77
N VAL B 51 -5.99 -9.98 17.80
CA VAL B 51 -5.96 -8.52 17.90
C VAL B 51 -5.40 -8.27 19.26
N TYR B 52 -4.26 -7.62 19.30
CA TYR B 52 -3.56 -7.36 20.55
C TYR B 52 -2.66 -6.12 20.38
N TYR B 53 -2.09 -5.66 21.49
CA TYR B 53 -1.11 -4.61 21.42
C TYR B 53 0.09 -5.10 22.20
N GLU B 54 1.30 -4.88 21.67
CA GLU B 54 2.49 -5.30 22.39
C GLU B 54 3.23 -4.09 22.89
N GLN B 55 3.53 -4.09 24.19
CA GLN B 55 4.25 -3.01 24.84
C GLN B 55 5.72 -3.30 24.75
N GLN B 56 6.42 -2.48 23.98
CA GLN B 56 7.86 -2.51 23.78
C GLN B 56 8.48 -1.42 24.67
N ARG B 57 9.65 -1.71 25.28
CA ARG B 57 10.35 -0.77 26.16
C ARG B 57 11.84 -1.00 26.13
N TRP B 58 12.63 0.07 26.00
CA TRP B 58 14.11 0.01 26.00
C TRP B 58 14.67 1.36 26.50
N LYS B 59 16.01 1.45 26.64
CA LYS B 59 16.69 2.66 27.13
C LYS B 59 17.95 2.95 26.28
N LEU B 60 18.13 4.21 25.87
CA LEU B 60 19.29 4.63 25.09
C LEU B 60 19.98 5.78 25.78
N ASN B 61 21.30 5.68 25.93
CA ASN B 61 22.07 6.73 26.58
C ASN B 61 22.07 7.97 25.68
N SER B 62 21.99 7.74 24.35
CA SER B 62 21.92 8.79 23.33
C SER B 62 20.62 9.61 23.43
N LEU B 63 19.62 9.13 24.19
CA LEU B 63 18.33 9.81 24.33
C LEU B 63 18.12 10.44 25.71
N MET B 64 19.19 10.54 26.52
CA MET B 64 19.13 11.15 27.84
C MET B 64 19.22 12.66 27.74
N TRP B 65 18.66 13.37 28.74
CA TRP B 65 18.72 14.82 28.85
C TRP B 65 18.42 15.28 30.26
N ASP B 66 18.86 16.52 30.56
CA ASP B 66 18.63 17.17 31.84
C ASP B 66 17.33 17.96 31.73
N PRO B 67 16.26 17.60 32.50
CA PRO B 67 15.01 18.35 32.40
C PRO B 67 15.17 19.84 32.78
N ASN B 68 16.07 20.17 33.73
CA ASN B 68 16.32 21.54 34.13
C ASN B 68 16.96 22.35 33.00
N GLU B 69 17.72 21.70 32.10
CA GLU B 69 18.39 22.34 30.96
C GLU B 69 17.42 22.53 29.79
N TYR B 70 16.18 22.02 29.93
CA TYR B 70 15.16 22.07 28.89
C TYR B 70 13.78 22.34 29.49
N GLY B 71 13.68 23.38 30.32
CA GLY B 71 12.43 23.84 30.94
C GLY B 71 11.57 22.82 31.65
N ASN B 72 12.19 22.06 32.60
CA ASN B 72 11.60 21.01 33.45
C ASN B 72 10.71 20.01 32.67
N ILE B 73 11.12 19.65 31.41
CA ILE B 73 10.43 18.67 30.56
C ILE B 73 10.97 17.30 30.91
N THR B 74 10.10 16.41 31.40
CA THR B 74 10.51 15.07 31.81
C THR B 74 10.41 14.07 30.65
N ASP B 75 9.41 14.23 29.79
CA ASP B 75 9.15 13.33 28.65
C ASP B 75 8.46 14.04 27.47
N PHE B 76 8.31 13.32 26.34
CA PHE B 76 7.65 13.80 25.12
C PHE B 76 7.30 12.64 24.17
N ARG B 77 6.29 12.87 23.32
CA ARG B 77 5.81 11.94 22.29
C ARG B 77 6.48 12.29 20.96
N THR B 78 6.82 11.28 20.15
CA THR B 78 7.45 11.50 18.85
C THR B 78 7.16 10.34 17.89
N SER B 79 7.24 10.61 16.58
CA SER B 79 7.01 9.61 15.56
C SER B 79 8.04 8.52 15.68
N ALA B 80 7.60 7.25 15.53
CA ALA B 80 8.46 6.07 15.59
C ALA B 80 9.50 6.10 14.47
N ALA B 81 9.31 6.98 13.47
CA ALA B 81 10.21 7.21 12.34
C ALA B 81 11.43 7.99 12.76
N ASP B 82 11.25 8.95 13.70
CA ASP B 82 12.30 9.84 14.25
C ASP B 82 13.32 9.09 15.12
N ILE B 83 13.01 7.83 15.52
CA ILE B 83 13.87 7.06 16.42
C ILE B 83 14.07 5.62 15.94
N TRP B 84 15.11 4.97 16.49
CA TRP B 84 15.40 3.56 16.26
C TRP B 84 14.36 2.76 17.03
N THR B 85 13.88 1.65 16.44
CA THR B 85 12.90 0.77 17.04
C THR B 85 13.31 -0.68 16.82
N PRO B 86 13.10 -1.59 17.82
CA PRO B 86 13.51 -2.98 17.66
C PRO B 86 12.66 -3.74 16.64
N ASP B 87 13.30 -4.63 15.87
CA ASP B 87 12.69 -5.45 14.84
C ASP B 87 12.04 -6.72 15.41
N ILE B 88 11.16 -6.53 16.41
CA ILE B 88 10.44 -7.66 17.04
C ILE B 88 9.44 -8.19 16.03
N THR B 89 9.61 -9.45 15.60
CA THR B 89 8.87 -10.15 14.55
C THR B 89 8.22 -11.46 15.03
N ALA B 90 7.00 -11.78 14.53
CA ALA B 90 6.31 -13.02 14.85
C ALA B 90 6.90 -14.13 13.98
N TYR B 91 7.42 -15.18 14.61
CA TYR B 91 8.11 -16.24 13.91
C TYR B 91 7.17 -17.23 13.14
N SER B 92 5.84 -17.22 13.41
CA SER B 92 4.92 -18.12 12.71
C SER B 92 3.72 -17.37 12.07
N SER B 93 3.91 -16.12 11.62
CA SER B 93 2.84 -15.37 10.93
C SER B 93 2.60 -15.97 9.53
N THR B 94 1.38 -15.80 8.99
CA THR B 94 1.05 -16.34 7.67
C THR B 94 0.75 -15.22 6.68
N ARG B 95 0.57 -14.01 7.20
CA ARG B 95 0.25 -12.79 6.43
C ARG B 95 0.88 -11.60 7.13
N PRO B 96 1.30 -10.54 6.38
CA PRO B 96 1.90 -9.37 7.04
C PRO B 96 1.01 -8.77 8.13
N VAL B 97 1.62 -8.43 9.27
CA VAL B 97 0.87 -7.85 10.38
C VAL B 97 0.21 -6.53 9.95
N GLN B 98 -1.04 -6.29 10.39
CA GLN B 98 -1.82 -5.07 10.09
C GLN B 98 -1.76 -4.14 11.28
N VAL B 99 -1.23 -2.91 11.09
CA VAL B 99 -1.09 -1.98 12.22
C VAL B 99 -2.42 -1.26 12.48
N LEU B 100 -2.87 -1.27 13.73
CA LEU B 100 -4.14 -0.69 14.14
C LEU B 100 -3.96 0.57 15.01
N SER B 101 -2.71 0.95 15.36
CA SER B 101 -2.43 2.14 16.20
C SER B 101 -1.46 3.14 15.53
N PRO B 102 -1.46 4.44 15.97
CA PRO B 102 -0.49 5.42 15.44
C PRO B 102 0.96 5.04 15.75
N GLN B 103 1.88 5.35 14.82
CA GLN B 103 3.30 5.05 14.96
C GLN B 103 3.98 6.20 15.75
N ILE B 104 3.60 6.32 17.03
CA ILE B 104 4.12 7.30 17.96
C ILE B 104 4.65 6.56 19.18
N ALA B 105 5.82 7.00 19.67
CA ALA B 105 6.48 6.48 20.87
C ALA B 105 6.70 7.61 21.86
N VAL B 106 6.86 7.27 23.15
CA VAL B 106 7.08 8.27 24.20
C VAL B 106 8.49 8.07 24.80
N VAL B 107 9.30 9.16 24.72
CA VAL B 107 10.69 9.24 25.19
C VAL B 107 10.73 10.00 26.52
N THR B 108 11.49 9.49 27.52
CA THR B 108 11.65 10.07 28.86
C THR B 108 13.11 10.53 29.03
N HIS B 109 13.36 11.55 29.89
CA HIS B 109 14.67 12.17 30.15
C HIS B 109 15.78 11.19 30.50
N ASP B 110 15.44 10.01 31.05
CA ASP B 110 16.43 8.98 31.40
C ASP B 110 16.88 8.17 30.15
N GLY B 111 16.30 8.49 29.00
CA GLY B 111 16.60 7.83 27.75
C GLY B 111 15.72 6.63 27.45
N SER B 112 14.75 6.32 28.34
CA SER B 112 13.85 5.19 28.13
C SER B 112 12.73 5.53 27.13
N VAL B 113 12.49 4.61 26.20
CA VAL B 113 11.48 4.72 25.15
C VAL B 113 10.38 3.69 25.37
N MET B 114 9.14 4.08 25.09
CA MET B 114 8.01 3.17 25.15
C MET B 114 7.21 3.24 23.89
N PHE B 115 6.96 2.10 23.28
CA PHE B 115 6.22 1.99 22.04
C PHE B 115 5.17 0.89 22.20
N ILE B 116 3.91 1.22 21.93
CA ILE B 116 2.84 0.26 22.17
C ILE B 116 2.07 -0.04 20.83
N PRO B 117 2.68 -0.76 19.86
CA PRO B 117 1.97 -1.02 18.59
C PRO B 117 0.79 -2.00 18.69
N ALA B 118 -0.43 -1.52 18.33
CA ALA B 118 -1.62 -2.38 18.23
C ALA B 118 -1.62 -3.08 16.86
N GLN B 119 -2.00 -4.36 16.81
CA GLN B 119 -1.96 -5.07 15.53
C GLN B 119 -2.87 -6.29 15.44
N ARG B 120 -3.22 -6.64 14.18
CA ARG B 120 -3.97 -7.84 13.80
C ARG B 120 -2.99 -8.85 13.20
N LEU B 121 -2.87 -10.04 13.83
CA LEU B 121 -1.91 -11.07 13.39
C LEU B 121 -2.59 -12.37 13.03
N SER B 122 -2.18 -12.94 11.85
CA SER B 122 -2.64 -14.24 11.36
C SER B 122 -1.49 -15.18 11.51
N PHE B 123 -1.63 -16.20 12.36
CA PHE B 123 -0.52 -17.11 12.61
C PHE B 123 -0.97 -18.56 12.54
N MET B 124 0.01 -19.46 12.38
CA MET B 124 -0.15 -20.90 12.28
C MET B 124 -0.61 -21.43 13.62
N CYS B 125 -1.85 -21.96 13.62
CA CYS B 125 -2.53 -22.49 14.80
C CYS B 125 -3.61 -23.51 14.37
N ASP B 126 -3.48 -24.80 14.79
CA ASP B 126 -4.47 -25.83 14.48
C ASP B 126 -5.60 -25.70 15.49
N PRO B 127 -6.82 -25.30 15.03
CA PRO B 127 -7.92 -25.06 15.97
C PRO B 127 -8.77 -26.30 16.28
N THR B 128 -8.30 -27.50 15.90
CA THR B 128 -9.03 -28.75 16.10
C THR B 128 -9.30 -28.94 17.59
N GLY B 129 -10.59 -28.95 17.94
CA GLY B 129 -11.07 -29.11 19.31
C GLY B 129 -11.43 -27.83 20.03
N VAL B 130 -11.49 -26.69 19.30
CA VAL B 130 -11.86 -25.39 19.88
C VAL B 130 -13.34 -25.44 20.37
N ASP B 131 -14.15 -26.31 19.73
CA ASP B 131 -15.57 -26.56 19.98
C ASP B 131 -15.80 -27.38 21.26
N SER B 132 -14.72 -27.93 21.87
CA SER B 132 -14.81 -28.72 23.09
C SER B 132 -14.83 -27.86 24.36
N GLU B 133 -15.09 -28.52 25.50
CA GLU B 133 -15.10 -27.87 26.80
C GLU B 133 -13.66 -27.55 27.24
N GLU B 134 -12.72 -28.47 26.90
CA GLU B 134 -11.29 -28.41 27.17
C GLU B 134 -10.62 -27.29 26.38
N GLY B 135 -11.09 -27.04 25.15
CA GLY B 135 -10.55 -26.03 24.26
C GLY B 135 -9.31 -26.49 23.50
N VAL B 136 -8.64 -25.55 22.82
CA VAL B 136 -7.43 -25.78 22.02
C VAL B 136 -6.32 -24.80 22.48
N THR B 137 -5.04 -25.21 22.36
CA THR B 137 -3.90 -24.37 22.76
C THR B 137 -3.06 -24.03 21.53
N CYS B 138 -2.56 -22.78 21.46
CA CYS B 138 -1.74 -22.30 20.34
C CYS B 138 -0.68 -21.35 20.83
N ALA B 139 0.45 -21.33 20.12
CA ALA B 139 1.58 -20.47 20.47
C ALA B 139 2.19 -19.79 19.27
N VAL B 140 2.87 -18.66 19.52
CA VAL B 140 3.58 -17.84 18.53
C VAL B 140 4.78 -17.16 19.23
N LYS B 141 5.98 -17.31 18.64
CA LYS B 141 7.20 -16.70 19.18
C LYS B 141 7.42 -15.32 18.57
N PHE B 142 7.89 -14.39 19.40
CA PHE B 142 8.22 -13.02 18.99
C PHE B 142 9.65 -12.73 19.32
N GLY B 143 10.39 -12.12 18.41
CA GLY B 143 11.79 -11.76 18.64
C GLY B 143 12.43 -11.04 17.49
N SER B 144 13.70 -10.64 17.66
CA SER B 144 14.41 -9.95 16.59
C SER B 144 14.65 -10.89 15.41
N TRP B 145 14.57 -10.34 14.21
CA TRP B 145 14.79 -11.11 13.00
C TRP B 145 16.31 -11.12 12.64
N VAL B 146 17.06 -10.07 13.05
CA VAL B 146 18.47 -9.93 12.68
C VAL B 146 19.43 -9.88 13.87
N TYR B 147 18.98 -9.49 15.06
CA TYR B 147 19.89 -9.35 16.19
C TYR B 147 19.89 -10.55 17.10
N SER B 148 21.11 -11.01 17.45
CA SER B 148 21.31 -12.13 18.40
C SER B 148 21.02 -11.70 19.90
N GLY B 149 21.31 -12.60 20.84
CA GLY B 149 21.12 -12.35 22.25
C GLY B 149 22.16 -11.40 22.83
N PHE B 150 23.27 -11.26 22.12
CA PHE B 150 24.37 -10.40 22.56
C PHE B 150 24.22 -9.00 22.01
N GLU B 151 23.25 -8.83 21.12
CA GLU B 151 22.91 -7.55 20.56
C GLU B 151 21.56 -7.11 21.18
N ILE B 152 20.50 -7.95 21.09
CA ILE B 152 19.21 -7.63 21.72
C ILE B 152 18.76 -8.79 22.67
N ASP B 153 18.57 -8.43 23.94
CA ASP B 153 18.04 -9.33 24.95
C ASP B 153 16.57 -8.95 25.18
N LEU B 154 15.74 -9.94 25.47
CA LEU B 154 14.31 -9.73 25.74
C LEU B 154 13.99 -10.12 27.17
N LYS B 155 13.00 -9.44 27.77
CA LYS B 155 12.54 -9.77 29.12
C LYS B 155 11.04 -9.42 29.23
N THR B 156 10.35 -10.01 30.21
CA THR B 156 8.93 -9.74 30.47
C THR B 156 8.78 -9.29 31.92
N ASP B 157 7.90 -8.32 32.16
CA ASP B 157 7.68 -7.88 33.55
C ASP B 157 6.82 -8.90 34.30
N THR B 158 6.08 -9.76 33.57
CA THR B 158 5.24 -10.83 34.07
C THR B 158 5.11 -11.93 33.01
N ASP B 159 4.83 -13.16 33.46
CA ASP B 159 4.61 -14.29 32.57
C ASP B 159 3.10 -14.37 32.20
N GLN B 160 2.23 -13.56 32.90
CA GLN B 160 0.77 -13.49 32.72
C GLN B 160 0.36 -12.38 31.71
N VAL B 161 -0.21 -12.78 30.51
CA VAL B 161 -0.68 -11.88 29.44
C VAL B 161 -1.85 -11.07 29.99
N ASP B 162 -1.90 -9.76 29.66
CA ASP B 162 -2.97 -8.88 30.12
C ASP B 162 -4.25 -9.18 29.38
N LEU B 163 -5.22 -9.76 30.08
CA LEU B 163 -6.50 -10.11 29.47
C LEU B 163 -7.62 -9.20 29.97
N SER B 164 -7.25 -8.16 30.74
CA SER B 164 -8.16 -7.19 31.35
C SER B 164 -8.95 -6.41 30.28
N SER B 165 -8.42 -6.30 29.06
CA SER B 165 -9.08 -5.57 27.99
C SER B 165 -9.57 -6.53 26.89
N TYR B 166 -9.66 -7.85 27.19
CA TYR B 166 -10.15 -8.83 26.20
C TYR B 166 -11.63 -8.59 25.94
N TYR B 167 -12.04 -8.71 24.65
CA TYR B 167 -13.41 -8.48 24.19
C TYR B 167 -14.37 -9.49 24.79
N ALA B 168 -15.26 -8.99 25.68
CA ALA B 168 -16.22 -9.80 26.41
C ALA B 168 -17.14 -10.63 25.53
N SER B 169 -17.65 -10.07 24.42
CA SER B 169 -18.56 -10.81 23.54
C SER B 169 -17.83 -11.46 22.34
N SER B 170 -16.55 -11.88 22.53
CA SER B 170 -15.78 -12.56 21.48
C SER B 170 -16.37 -13.94 21.23
N LYS B 171 -16.22 -14.48 20.01
CA LYS B 171 -16.71 -15.83 19.71
C LYS B 171 -15.86 -16.89 20.44
N TYR B 172 -14.68 -16.47 20.96
CA TYR B 172 -13.75 -17.33 21.67
C TYR B 172 -13.36 -16.82 23.06
N GLU B 173 -13.52 -17.69 24.08
CA GLU B 173 -13.16 -17.49 25.48
C GLU B 173 -11.67 -17.76 25.69
N ILE B 174 -10.94 -16.94 26.50
CA ILE B 174 -9.53 -17.28 26.78
C ILE B 174 -9.51 -18.09 28.06
N LEU B 175 -8.90 -19.25 28.00
CA LEU B 175 -8.80 -20.11 29.18
C LEU B 175 -7.53 -19.75 29.95
N SER B 176 -6.44 -19.42 29.22
CA SER B 176 -5.15 -18.98 29.75
C SER B 176 -4.33 -18.32 28.64
N ALA B 177 -3.46 -17.39 29.03
CA ALA B 177 -2.56 -16.68 28.11
C ALA B 177 -1.28 -16.39 28.86
N THR B 178 -0.18 -16.86 28.30
CA THR B 178 1.15 -16.82 28.88
C THR B 178 2.19 -16.18 27.97
N GLN B 179 3.15 -15.48 28.57
CA GLN B 179 4.28 -14.85 27.86
C GLN B 179 5.57 -15.31 28.55
N THR B 180 6.33 -16.17 27.87
CA THR B 180 7.55 -16.75 28.44
C THR B 180 8.78 -16.51 27.59
N ARG B 181 9.85 -16.03 28.23
CA ARG B 181 11.12 -15.78 27.57
C ARG B 181 11.79 -17.09 27.24
N GLN B 182 12.34 -17.18 26.05
CA GLN B 182 13.03 -18.37 25.55
C GLN B 182 14.35 -17.99 24.95
N VAL B 183 15.37 -18.83 25.16
CA VAL B 183 16.70 -18.65 24.55
C VAL B 183 16.89 -19.86 23.59
N GLN B 184 16.94 -19.58 22.30
CA GLN B 184 17.01 -20.60 21.25
C GLN B 184 18.35 -20.62 20.55
N HIS B 185 18.75 -21.81 20.06
CA HIS B 185 20.00 -21.95 19.32
C HIS B 185 19.69 -22.41 17.92
N TYR B 186 20.18 -21.66 16.93
CA TYR B 186 19.95 -21.98 15.53
C TYR B 186 21.28 -22.31 14.88
N SER B 187 21.27 -23.21 13.89
CA SER B 187 22.47 -23.71 13.20
C SER B 187 23.26 -22.58 12.54
N CYS B 188 22.52 -21.64 11.89
CA CYS B 188 22.95 -20.44 11.16
C CYS B 188 24.04 -19.66 11.85
N CYS B 189 23.92 -19.51 13.17
CA CYS B 189 24.60 -18.52 13.96
C CYS B 189 25.21 -19.08 15.22
N PRO B 190 26.46 -18.62 15.52
CA PRO B 190 27.17 -19.10 16.73
C PRO B 190 26.64 -18.54 18.05
N GLU B 191 25.83 -17.49 17.99
CA GLU B 191 25.28 -16.82 19.14
C GLU B 191 23.80 -17.23 19.38
N PRO B 192 23.34 -17.26 20.65
CA PRO B 192 21.94 -17.64 20.91
C PRO B 192 20.96 -16.54 20.57
N TYR B 193 19.81 -16.91 20.02
CA TYR B 193 18.77 -15.92 19.72
C TYR B 193 17.72 -16.01 20.82
N ILE B 194 17.13 -14.88 21.20
CA ILE B 194 16.20 -14.96 22.30
C ILE B 194 14.84 -14.43 21.86
N ASP B 195 13.76 -15.02 22.41
CA ASP B 195 12.39 -14.66 22.02
C ASP B 195 11.40 -14.74 23.20
N VAL B 196 10.14 -14.28 22.96
CA VAL B 196 9.06 -14.35 23.94
C VAL B 196 7.95 -15.20 23.33
N ASN B 197 7.63 -16.33 24.01
CA ASN B 197 6.61 -17.25 23.53
C ASN B 197 5.22 -16.92 24.10
N LEU B 198 4.30 -16.52 23.20
CA LEU B 198 2.90 -16.20 23.49
C LEU B 198 2.11 -17.47 23.34
N VAL B 199 1.59 -18.03 24.47
CA VAL B 199 0.83 -19.28 24.47
C VAL B 199 -0.58 -19.03 24.96
N VAL B 200 -1.58 -19.23 24.09
CA VAL B 200 -2.98 -19.00 24.47
C VAL B 200 -3.87 -20.26 24.28
N LYS B 201 -4.50 -20.69 25.38
CA LYS B 201 -5.48 -21.78 25.45
C LYS B 201 -6.86 -21.13 25.39
N PHE B 202 -7.65 -21.49 24.39
CA PHE B 202 -8.96 -20.86 24.16
C PHE B 202 -10.01 -21.88 23.68
N ARG B 203 -11.29 -21.48 23.65
CA ARG B 203 -12.41 -22.32 23.20
C ARG B 203 -13.55 -21.46 22.70
N GLU B 204 -14.56 -22.09 22.07
CA GLU B 204 -15.75 -21.37 21.60
C GLU B 204 -16.59 -20.95 22.80
N ARG B 205 -17.03 -19.67 22.80
CA ARG B 205 -17.84 -18.97 23.80
C ARG B 205 -18.99 -19.83 24.35
N GLN C 1 29.19 2.98 19.63
CA GLN C 1 28.13 3.59 18.82
C GLN C 1 28.74 4.44 17.68
N ALA C 2 29.75 5.28 18.03
CA ALA C 2 30.48 6.26 17.19
C ALA C 2 31.32 5.62 16.07
N ASN C 3 31.99 4.49 16.37
CA ASN C 3 32.81 3.76 15.41
C ASN C 3 31.98 3.23 14.24
N LEU C 4 30.82 2.58 14.55
CA LEU C 4 29.91 2.01 13.55
C LEU C 4 29.30 3.09 12.65
N MET C 5 28.94 4.25 13.22
CA MET C 5 28.41 5.40 12.47
C MET C 5 29.40 5.83 11.36
N ARG C 6 30.72 5.88 11.69
CA ARG C 6 31.79 6.25 10.78
C ARG C 6 31.94 5.22 9.62
N LEU C 7 31.97 3.90 9.95
CA LEU C 7 32.14 2.81 8.96
C LEU C 7 31.05 2.87 7.86
N LYS C 8 29.78 3.03 8.28
CA LYS C 8 28.60 3.10 7.40
C LYS C 8 28.70 4.30 6.49
N SER C 9 29.20 5.45 7.03
CA SER C 9 29.37 6.67 6.23
C SER C 9 30.46 6.44 5.14
N ASP C 10 31.61 5.86 5.50
CA ASP C 10 32.72 5.61 4.57
C ASP C 10 32.39 4.56 3.53
N LEU C 11 31.49 3.62 3.84
CA LEU C 11 31.13 2.53 2.91
C LEU C 11 30.03 2.93 1.95
N PHE C 12 28.99 3.63 2.42
CA PHE C 12 27.84 4.00 1.61
C PHE C 12 27.80 5.46 1.13
N ASN C 13 28.01 6.44 2.03
CA ASN C 13 27.90 7.87 1.69
C ASN C 13 29.15 8.45 0.99
N ARG C 14 30.30 7.76 1.07
CA ARG C 14 31.55 8.21 0.47
C ARG C 14 31.74 7.63 -0.95
N SER C 15 31.41 6.33 -1.15
CA SER C 15 31.55 5.62 -2.43
C SER C 15 30.18 5.44 -3.14
N PRO C 16 30.12 5.49 -4.50
CA PRO C 16 28.82 5.26 -5.19
C PRO C 16 28.34 3.83 -5.01
N MET C 17 27.01 3.59 -5.09
CA MET C 17 26.48 2.23 -4.88
C MET C 17 26.96 1.27 -5.97
N TYR C 18 27.00 -0.04 -5.63
CA TYR C 18 27.38 -1.13 -6.53
C TYR C 18 26.39 -1.17 -7.70
N PRO C 19 26.88 -1.00 -8.95
CA PRO C 19 25.95 -0.97 -10.10
C PRO C 19 25.39 -2.33 -10.54
N GLY C 20 25.65 -3.36 -9.72
CA GLY C 20 25.24 -4.72 -9.99
C GLY C 20 26.31 -5.47 -10.75
N PRO C 21 26.16 -6.81 -10.94
CA PRO C 21 27.17 -7.56 -11.69
C PRO C 21 27.18 -7.28 -13.20
N THR C 22 28.29 -7.60 -13.86
CA THR C 22 28.48 -7.49 -15.31
C THR C 22 28.99 -8.85 -15.81
N LYS C 23 29.15 -9.02 -17.14
CA LYS C 23 29.68 -10.26 -17.70
C LYS C 23 31.16 -10.43 -17.29
N ASP C 24 31.88 -9.28 -17.16
CA ASP C 24 33.31 -9.19 -16.80
C ASP C 24 33.51 -9.38 -15.30
N ASP C 25 32.60 -8.85 -14.47
CA ASP C 25 32.66 -8.99 -13.02
C ASP C 25 31.36 -9.69 -12.54
N PRO C 26 31.23 -11.03 -12.71
CA PRO C 26 30.00 -11.71 -12.30
C PRO C 26 29.89 -11.83 -10.78
N LEU C 27 28.75 -12.41 -10.33
CA LEU C 27 28.45 -12.60 -8.94
C LEU C 27 27.78 -13.93 -8.72
N THR C 28 28.13 -14.61 -7.62
CA THR C 28 27.48 -15.86 -7.29
C THR C 28 26.68 -15.66 -6.01
N VAL C 29 25.37 -15.89 -6.11
CA VAL C 29 24.46 -15.78 -5.00
C VAL C 29 24.10 -17.20 -4.54
N THR C 30 24.32 -17.47 -3.25
CA THR C 30 24.02 -18.76 -2.63
C THR C 30 22.62 -18.68 -2.08
N LEU C 31 21.77 -19.60 -2.53
CA LEU C 31 20.36 -19.66 -2.14
C LEU C 31 20.06 -20.83 -1.24
N GLY C 32 19.02 -20.66 -0.43
CA GLY C 32 18.60 -21.69 0.50
C GLY C 32 17.24 -21.42 1.06
N PHE C 33 16.43 -22.47 1.16
CA PHE C 33 15.06 -22.37 1.64
C PHE C 33 14.84 -23.13 2.94
N THR C 34 14.08 -22.48 3.83
CA THR C 34 13.61 -23.03 5.10
C THR C 34 12.10 -22.96 5.02
N LEU C 35 11.45 -24.10 4.78
CA LEU C 35 10.02 -24.21 4.62
C LEU C 35 9.32 -24.30 5.97
N GLN C 36 8.31 -23.43 6.17
CA GLN C 36 7.59 -23.31 7.44
C GLN C 36 6.22 -23.92 7.41
N ASP C 37 5.43 -23.69 6.33
CA ASP C 37 4.06 -24.20 6.20
C ASP C 37 3.56 -24.18 4.74
N ILE C 38 2.65 -25.10 4.46
CA ILE C 38 1.82 -25.16 3.25
C ILE C 38 0.47 -24.74 3.79
N VAL C 39 0.17 -23.45 3.70
CA VAL C 39 -1.02 -22.87 4.31
C VAL C 39 -2.31 -23.26 3.64
N LYS C 40 -2.37 -23.09 2.31
CA LYS C 40 -3.58 -23.24 1.52
C LYS C 40 -3.29 -23.99 0.21
N VAL C 41 -4.35 -24.62 -0.33
CA VAL C 41 -4.35 -25.35 -1.59
C VAL C 41 -5.67 -25.03 -2.28
N ASP C 42 -5.65 -24.37 -3.46
CA ASP C 42 -6.90 -24.04 -4.17
C ASP C 42 -6.99 -24.85 -5.43
N SER C 43 -7.71 -25.98 -5.34
CA SER C 43 -7.93 -26.95 -6.41
C SER C 43 -8.71 -26.38 -7.61
N SER C 44 -9.45 -25.26 -7.45
CA SER C 44 -10.22 -24.69 -8.55
C SER C 44 -9.38 -23.76 -9.44
N THR C 45 -8.23 -23.25 -8.93
CA THR C 45 -7.32 -22.36 -9.66
C THR C 45 -5.89 -22.93 -9.76
N ASN C 46 -5.63 -24.08 -9.11
CA ASN C 46 -4.33 -24.76 -9.05
C ASN C 46 -3.24 -23.76 -8.53
N GLU C 47 -3.55 -23.11 -7.40
CA GLU C 47 -2.70 -22.17 -6.68
C GLU C 47 -2.41 -22.73 -5.30
N VAL C 48 -1.12 -22.82 -4.92
CA VAL C 48 -0.75 -23.34 -3.60
C VAL C 48 0.07 -22.27 -2.85
N ASP C 49 -0.25 -22.03 -1.55
CA ASP C 49 0.40 -21.01 -0.73
C ASP C 49 1.46 -21.59 0.20
N LEU C 50 2.68 -21.02 0.09
CA LEU C 50 3.86 -21.38 0.89
C LEU C 50 4.30 -20.27 1.83
N VAL C 51 4.69 -20.64 3.07
CA VAL C 51 5.31 -19.72 4.02
C VAL C 51 6.67 -20.32 4.25
N TYR C 52 7.73 -19.52 4.00
CA TYR C 52 9.13 -19.92 4.10
C TYR C 52 10.02 -18.70 4.22
N TYR C 53 11.31 -18.93 4.48
CA TYR C 53 12.27 -17.84 4.46
C TYR C 53 13.39 -18.29 3.59
N GLU C 54 13.86 -17.40 2.73
CA GLU C 54 14.95 -17.80 1.86
C GLU C 54 16.19 -17.06 2.24
N GLN C 55 17.22 -17.82 2.55
CA GLN C 55 18.50 -17.29 2.93
C GLN C 55 19.30 -17.05 1.64
N GLN C 56 19.70 -15.79 1.38
CA GLN C 56 20.51 -15.41 0.23
C GLN C 56 21.81 -14.76 0.71
N ARG C 57 22.95 -15.21 0.16
CA ARG C 57 24.30 -14.74 0.54
C ARG C 57 25.14 -14.43 -0.69
N TRP C 58 25.89 -13.31 -0.67
CA TRP C 58 26.82 -12.87 -1.73
C TRP C 58 27.99 -12.11 -1.09
N LYS C 59 29.09 -11.90 -1.84
CA LYS C 59 30.27 -11.16 -1.34
C LYS C 59 30.62 -10.01 -2.31
N LEU C 60 30.88 -8.81 -1.76
CA LEU C 60 31.27 -7.63 -2.56
C LEU C 60 32.58 -7.09 -2.08
N ASN C 61 33.51 -6.83 -3.00
CA ASN C 61 34.82 -6.28 -2.63
C ASN C 61 34.63 -4.85 -2.14
N SER C 62 33.60 -4.15 -2.68
CA SER C 62 33.22 -2.79 -2.33
C SER C 62 32.72 -2.70 -0.87
N LEU C 63 32.43 -3.83 -0.23
CA LEU C 63 31.92 -3.88 1.14
C LEU C 63 32.92 -4.41 2.17
N MET C 64 34.20 -4.52 1.77
CA MET C 64 35.26 -4.98 2.65
C MET C 64 35.75 -3.81 3.53
N TRP C 65 36.33 -4.15 4.71
CA TRP C 65 36.95 -3.19 5.63
C TRP C 65 37.89 -3.88 6.62
N ASP C 66 38.87 -3.11 7.17
CA ASP C 66 39.81 -3.57 8.19
C ASP C 66 39.20 -3.29 9.55
N PRO C 67 38.82 -4.34 10.33
CA PRO C 67 38.17 -4.10 11.64
C PRO C 67 39.00 -3.24 12.61
N ASN C 68 40.34 -3.33 12.54
CA ASN C 68 41.22 -2.53 13.38
C ASN C 68 41.11 -1.04 13.08
N GLU C 69 40.78 -0.67 11.82
CA GLU C 69 40.62 0.73 11.41
C GLU C 69 39.24 1.28 11.77
N TYR C 70 38.36 0.42 12.29
CA TYR C 70 37.01 0.81 12.66
C TYR C 70 36.60 0.18 14.02
N GLY C 71 37.45 0.34 15.04
CA GLY C 71 37.22 -0.10 16.41
C GLY C 71 36.82 -1.56 16.60
N ASN C 72 37.63 -2.49 16.02
CA ASN C 72 37.49 -3.95 16.06
C ASN C 72 36.04 -4.44 15.76
N ILE C 73 35.35 -3.77 14.80
CA ILE C 73 33.99 -4.12 14.35
C ILE C 73 34.14 -5.15 13.24
N THR C 74 33.60 -6.36 13.45
CA THR C 74 33.72 -7.43 12.47
C THR C 74 32.54 -7.44 11.50
N ASP C 75 31.34 -7.08 11.99
CA ASP C 75 30.09 -7.09 11.20
C ASP C 75 29.07 -6.05 11.71
N PHE C 76 27.95 -5.88 10.98
CA PHE C 76 26.87 -4.97 11.34
C PHE C 76 25.60 -5.25 10.54
N ARG C 77 24.44 -4.87 11.11
CA ARG C 77 23.12 -4.98 10.51
C ARG C 77 22.77 -3.64 9.83
N THR C 78 22.09 -3.68 8.69
CA THR C 78 21.71 -2.48 7.94
C THR C 78 20.45 -2.71 7.09
N SER C 79 19.73 -1.62 6.76
CA SER C 79 18.55 -1.69 5.92
C SER C 79 18.93 -2.19 4.56
N ALA C 80 18.10 -3.10 4.00
CA ALA C 80 18.30 -3.68 2.67
C ALA C 80 18.25 -2.59 1.57
N ALA C 81 17.79 -1.38 1.95
CA ALA C 81 17.72 -0.19 1.08
C ALA C 81 19.08 0.43 0.91
N ASP C 82 19.91 0.39 1.97
CA ASP C 82 21.26 0.95 1.99
C ASP C 82 22.26 0.17 1.09
N ILE C 83 21.89 -1.04 0.63
CA ILE C 83 22.77 -1.90 -0.15
C ILE C 83 22.10 -2.51 -1.38
N TRP C 84 22.93 -3.01 -2.33
CA TRP C 84 22.47 -3.71 -3.51
C TRP C 84 21.99 -5.07 -3.06
N THR C 85 20.89 -5.56 -3.65
CA THR C 85 20.31 -6.86 -3.35
C THR C 85 19.94 -7.58 -4.65
N PRO C 86 20.13 -8.93 -4.72
CA PRO C 86 19.81 -9.64 -5.97
C PRO C 86 18.32 -9.75 -6.21
N ASP C 87 17.91 -9.66 -7.51
CA ASP C 87 16.51 -9.70 -7.94
C ASP C 87 16.01 -11.15 -8.10
N ILE C 88 16.19 -11.98 -7.06
CA ILE C 88 15.74 -13.38 -7.06
C ILE C 88 14.22 -13.37 -7.00
N THR C 89 13.59 -13.90 -8.07
CA THR C 89 12.15 -13.91 -8.33
C THR C 89 11.59 -15.34 -8.56
N ALA C 90 10.33 -15.60 -8.11
CA ALA C 90 9.66 -16.88 -8.36
C ALA C 90 9.06 -16.84 -9.78
N TYR C 91 9.45 -17.80 -10.60
CA TYR C 91 9.06 -17.84 -12.00
C TYR C 91 7.60 -18.29 -12.26
N SER C 92 6.87 -18.85 -11.26
CA SER C 92 5.48 -19.28 -11.45
C SER C 92 4.54 -18.74 -10.37
N SER C 93 4.83 -17.52 -9.81
CA SER C 93 3.94 -16.91 -8.79
C SER C 93 2.62 -16.45 -9.45
N THR C 94 1.53 -16.37 -8.66
CA THR C 94 0.23 -15.96 -9.19
C THR C 94 -0.24 -14.66 -8.55
N ARG C 95 0.42 -14.25 -7.47
CA ARG C 95 0.12 -13.01 -6.72
C ARG C 95 1.44 -12.46 -6.18
N PRO C 96 1.58 -11.10 -5.99
CA PRO C 96 2.86 -10.57 -5.47
C PRO C 96 3.25 -11.20 -4.14
N VAL C 97 4.54 -11.52 -3.98
CA VAL C 97 5.02 -12.13 -2.74
C VAL C 97 4.77 -11.16 -1.56
N GLN C 98 4.35 -11.69 -0.41
CA GLN C 98 4.08 -10.91 0.80
C GLN C 98 5.24 -11.03 1.76
N VAL C 99 5.88 -9.91 2.12
CA VAL C 99 7.06 -9.97 3.01
C VAL C 99 6.62 -10.06 4.48
N LEU C 100 7.14 -11.05 5.19
CA LEU C 100 6.79 -11.32 6.58
C LEU C 100 7.92 -10.98 7.57
N SER C 101 9.12 -10.58 7.09
CA SER C 101 10.26 -10.23 7.94
C SER C 101 10.80 -8.78 7.69
N PRO C 102 11.53 -8.17 8.65
CA PRO C 102 12.14 -6.84 8.41
C PRO C 102 13.15 -6.84 7.26
N GLN C 103 13.22 -5.73 6.51
CA GLN C 103 14.13 -5.58 5.37
C GLN C 103 15.49 -5.10 5.88
N ILE C 104 16.16 -5.98 6.66
CA ILE C 104 17.48 -5.76 7.23
C ILE C 104 18.38 -6.92 6.81
N ALA C 105 19.64 -6.58 6.46
CA ALA C 105 20.69 -7.52 6.06
C ALA C 105 21.90 -7.35 6.96
N VAL C 106 22.77 -8.37 7.04
CA VAL C 106 23.96 -8.30 7.89
C VAL C 106 25.21 -8.41 7.00
N VAL C 107 26.08 -7.38 7.11
CA VAL C 107 27.32 -7.21 6.36
C VAL C 107 28.51 -7.54 7.26
N THR C 108 29.49 -8.29 6.75
CA THR C 108 30.71 -8.69 7.47
C THR C 108 31.94 -8.03 6.81
N HIS C 109 33.03 -7.79 7.58
CA HIS C 109 34.28 -7.12 7.17
C HIS C 109 34.91 -7.69 5.90
N ASP C 110 34.66 -8.98 5.56
CA ASP C 110 35.18 -9.63 4.35
C ASP C 110 34.35 -9.24 3.10
N GLY C 111 33.30 -8.46 3.30
CA GLY C 111 32.42 -8.01 2.24
C GLY C 111 31.23 -8.92 1.98
N SER C 112 31.08 -10.01 2.76
CA SER C 112 29.97 -10.93 2.58
C SER C 112 28.68 -10.39 3.22
N VAL C 113 27.58 -10.47 2.47
CA VAL C 113 26.26 -9.97 2.87
C VAL C 113 25.29 -11.14 3.04
N MET C 114 24.44 -11.08 4.06
CA MET C 114 23.43 -12.10 4.26
C MET C 114 22.08 -11.48 4.47
N PHE C 115 21.10 -11.94 3.71
CA PHE C 115 19.75 -11.43 3.75
C PHE C 115 18.81 -12.62 3.83
N ILE C 116 17.93 -12.63 4.83
CA ILE C 116 17.06 -13.78 5.02
C ILE C 116 15.55 -13.35 4.94
N PRO C 117 15.03 -13.00 3.73
CA PRO C 117 13.62 -12.57 3.65
C PRO C 117 12.57 -13.68 3.89
N ALA C 118 11.71 -13.50 4.93
CA ALA C 118 10.56 -14.40 5.15
C ALA C 118 9.42 -13.96 4.23
N GLN C 119 8.69 -14.93 3.64
CA GLN C 119 7.61 -14.55 2.72
C GLN C 119 6.53 -15.62 2.55
N ARG C 120 5.34 -15.14 2.11
CA ARG C 120 4.18 -15.94 1.73
C ARG C 120 4.07 -15.91 0.20
N LEU C 121 4.14 -17.12 -0.44
CA LEU C 121 4.11 -17.23 -1.90
C LEU C 121 2.94 -18.10 -2.41
N SER C 122 2.22 -17.59 -3.43
CA SER C 122 1.14 -18.27 -4.13
C SER C 122 1.66 -18.61 -5.49
N PHE C 123 1.78 -19.90 -5.79
CA PHE C 123 2.33 -20.31 -7.07
C PHE C 123 1.48 -21.40 -7.73
N MET C 124 1.67 -21.55 -9.05
CA MET C 124 0.99 -22.53 -9.90
C MET C 124 1.44 -23.94 -9.55
N CYS C 125 0.47 -24.75 -9.10
CA CYS C 125 0.65 -26.13 -8.69
C CYS C 125 -0.69 -26.84 -8.71
N ASP C 126 -0.81 -27.94 -9.46
CA ASP C 126 -2.05 -28.75 -9.49
C ASP C 126 -2.04 -29.69 -8.28
N PRO C 127 -2.96 -29.49 -7.30
CA PRO C 127 -2.90 -30.29 -6.07
C PRO C 127 -3.69 -31.60 -6.13
N THR C 128 -4.12 -32.02 -7.34
CA THR C 128 -4.90 -33.23 -7.54
C THR C 128 -4.11 -34.44 -7.00
N GLY C 129 -4.69 -35.10 -6.00
CA GLY C 129 -4.11 -36.25 -5.33
C GLY C 129 -3.43 -35.97 -4.00
N VAL C 130 -3.59 -34.73 -3.47
CA VAL C 130 -3.04 -34.34 -2.17
C VAL C 130 -3.71 -35.16 -1.03
N ASP C 131 -4.96 -35.59 -1.28
CA ASP C 131 -5.81 -36.38 -0.39
C ASP C 131 -5.37 -37.86 -0.32
N SER C 132 -4.47 -38.30 -1.21
CA SER C 132 -3.96 -39.68 -1.24
C SER C 132 -2.79 -39.87 -0.25
N GLU C 133 -2.47 -41.17 0.03
CA GLU C 133 -1.38 -41.60 0.89
C GLU C 133 -0.03 -41.22 0.22
N GLU C 134 0.03 -41.33 -1.13
CA GLU C 134 1.19 -41.03 -1.96
C GLU C 134 1.51 -39.55 -1.99
N GLY C 135 0.45 -38.71 -1.94
CA GLY C 135 0.55 -37.25 -1.97
C GLY C 135 0.71 -36.67 -3.36
N VAL C 136 1.00 -35.36 -3.48
CA VAL C 136 1.17 -34.68 -4.77
C VAL C 136 2.57 -33.96 -4.83
N THR C 137 3.15 -33.83 -6.06
CA THR C 137 4.44 -33.15 -6.26
C THR C 137 4.25 -31.84 -6.98
N CYS C 138 4.97 -30.78 -6.52
CA CYS C 138 4.92 -29.45 -7.12
C CYS C 138 6.26 -28.78 -7.07
N ALA C 139 6.52 -27.92 -8.08
CA ALA C 139 7.78 -27.20 -8.13
C ALA C 139 7.59 -25.72 -8.49
N VAL C 140 8.59 -24.89 -8.12
CA VAL C 140 8.68 -23.45 -8.39
C VAL C 140 10.16 -23.05 -8.54
N LYS C 141 10.49 -22.36 -9.63
CA LYS C 141 11.86 -21.93 -9.92
C LYS C 141 12.09 -20.53 -9.38
N PHE C 142 13.28 -20.30 -8.85
CA PHE C 142 13.69 -19.01 -8.31
C PHE C 142 14.96 -18.58 -9.02
N GLY C 143 15.01 -17.32 -9.44
CA GLY C 143 16.19 -16.79 -10.12
C GLY C 143 16.08 -15.34 -10.48
N SER C 144 17.15 -14.77 -11.05
CA SER C 144 17.13 -13.37 -11.44
C SER C 144 16.15 -13.14 -12.59
N TRP C 145 15.49 -11.98 -12.56
CA TRP C 145 14.55 -11.61 -13.60
C TRP C 145 15.26 -10.91 -14.76
N VAL C 146 16.41 -10.23 -14.50
CA VAL C 146 17.14 -9.46 -15.52
C VAL C 146 18.56 -9.96 -15.79
N TYR C 147 19.21 -10.63 -14.83
CA TYR C 147 20.59 -11.06 -15.01
C TYR C 147 20.71 -12.50 -15.49
N SER C 148 21.53 -12.70 -16.55
CA SER C 148 21.79 -14.01 -17.13
C SER C 148 22.81 -14.77 -16.27
N GLY C 149 23.07 -16.02 -16.62
CA GLY C 149 24.05 -16.85 -15.95
C GLY C 149 25.44 -16.26 -16.00
N PHE C 150 25.71 -15.39 -17.01
CA PHE C 150 26.99 -14.70 -17.19
C PHE C 150 27.13 -13.49 -16.25
N GLU C 151 26.03 -13.07 -15.61
CA GLU C 151 26.07 -11.96 -14.68
C GLU C 151 25.84 -12.45 -13.24
N ILE C 152 24.74 -13.21 -13.00
CA ILE C 152 24.44 -13.76 -11.68
C ILE C 152 24.39 -15.28 -11.78
N ASP C 153 25.23 -15.92 -10.98
CA ASP C 153 25.27 -17.37 -10.86
C ASP C 153 24.63 -17.76 -9.53
N LEU C 154 23.94 -18.88 -9.51
CA LEU C 154 23.30 -19.36 -8.30
C LEU C 154 23.93 -20.69 -7.85
N LYS C 155 23.94 -20.93 -6.51
CA LYS C 155 24.43 -22.17 -5.93
C LYS C 155 23.67 -22.45 -4.65
N THR C 156 23.66 -23.72 -4.19
CA THR C 156 23.01 -24.11 -2.95
C THR C 156 24.02 -24.81 -2.06
N ASP C 157 23.95 -24.57 -0.73
CA ASP C 157 24.89 -25.25 0.17
C ASP C 157 24.52 -26.73 0.35
N THR C 158 23.22 -27.05 0.19
CA THR C 158 22.68 -28.38 0.25
C THR C 158 21.49 -28.44 -0.70
N ASP C 159 21.07 -29.64 -1.09
CA ASP C 159 19.93 -29.83 -1.96
C ASP C 159 18.70 -30.24 -1.13
N GLN C 160 18.90 -30.26 0.19
CA GLN C 160 17.86 -30.56 1.16
C GLN C 160 17.34 -29.28 1.77
N VAL C 161 16.03 -29.03 1.53
CA VAL C 161 15.34 -27.86 2.08
C VAL C 161 15.27 -28.05 3.59
N ASP C 162 15.53 -26.98 4.38
CA ASP C 162 15.46 -27.03 5.84
C ASP C 162 14.02 -27.18 6.29
N LEU C 163 13.68 -28.38 6.81
CA LEU C 163 12.32 -28.66 7.27
C LEU C 163 12.24 -28.72 8.79
N SER C 164 13.36 -28.37 9.47
CA SER C 164 13.50 -28.40 10.92
C SER C 164 12.51 -27.47 11.60
N SER C 165 12.07 -26.41 10.90
CA SER C 165 11.15 -25.43 11.46
C SER C 165 9.77 -25.53 10.80
N TYR C 166 9.48 -26.67 10.12
CA TYR C 166 8.15 -26.87 9.48
C TYR C 166 7.09 -27.02 10.57
N TYR C 167 5.92 -26.38 10.34
CA TYR C 167 4.80 -26.37 11.29
C TYR C 167 4.24 -27.76 11.47
N ALA C 168 4.42 -28.30 12.69
CA ALA C 168 4.00 -29.66 13.03
C ALA C 168 2.51 -29.92 12.81
N SER C 169 1.64 -28.99 13.17
CA SER C 169 0.20 -29.16 13.04
C SER C 169 -0.37 -28.52 11.76
N SER C 170 0.44 -28.49 10.67
CA SER C 170 0.00 -27.98 9.35
C SER C 170 -1.07 -28.90 8.78
N LYS C 171 -1.97 -28.39 7.92
CA LYS C 171 -2.98 -29.24 7.28
C LYS C 171 -2.32 -30.23 6.30
N TYR C 172 -1.04 -29.95 5.93
CA TYR C 172 -0.29 -30.73 4.97
C TYR C 172 1.06 -31.20 5.51
N GLU C 173 1.30 -32.52 5.44
CA GLU C 173 2.53 -33.20 5.82
C GLU C 173 3.56 -33.03 4.70
N ILE C 174 4.82 -32.66 5.02
CA ILE C 174 5.84 -32.58 3.97
C ILE C 174 6.48 -33.97 3.88
N LEU C 175 6.44 -34.58 2.68
CA LEU C 175 7.01 -35.92 2.41
C LEU C 175 8.48 -35.75 1.98
N SER C 176 8.77 -34.68 1.21
CA SER C 176 10.10 -34.31 0.77
C SER C 176 10.10 -32.87 0.26
N ALA C 177 11.26 -32.22 0.36
CA ALA C 177 11.49 -30.85 -0.12
C ALA C 177 12.93 -30.75 -0.56
N THR C 178 13.10 -30.35 -1.82
CA THR C 178 14.37 -30.30 -2.51
C THR C 178 14.67 -28.93 -3.15
N GLN C 179 15.94 -28.54 -3.16
CA GLN C 179 16.40 -27.30 -3.79
C GLN C 179 17.55 -27.67 -4.74
N THR C 180 17.30 -27.61 -6.05
CA THR C 180 18.28 -28.03 -7.05
C THR C 180 18.60 -26.93 -8.05
N ARG C 181 19.90 -26.73 -8.28
CA ARG C 181 20.35 -25.73 -9.26
C ARG C 181 20.09 -26.26 -10.63
N GLN C 182 19.51 -25.43 -11.48
CA GLN C 182 19.19 -25.83 -12.85
C GLN C 182 19.56 -24.71 -13.79
N VAL C 183 20.10 -25.07 -14.94
CA VAL C 183 20.50 -24.08 -15.93
C VAL C 183 19.56 -24.28 -17.14
N GLN C 184 18.78 -23.24 -17.45
CA GLN C 184 17.79 -23.23 -18.54
C GLN C 184 18.17 -22.32 -19.71
N HIS C 185 17.67 -22.68 -20.89
CA HIS C 185 17.84 -21.93 -22.12
C HIS C 185 16.46 -21.51 -22.56
N TYR C 186 16.23 -20.19 -22.69
CA TYR C 186 14.95 -19.58 -23.10
C TYR C 186 15.06 -18.99 -24.52
N SER C 187 13.99 -19.17 -25.35
CA SER C 187 13.88 -18.66 -26.75
C SER C 187 14.30 -17.19 -26.85
N CYS C 188 13.90 -16.40 -25.82
CA CYS C 188 14.12 -14.98 -25.54
C CYS C 188 15.52 -14.47 -25.91
N CYS C 189 16.55 -15.17 -25.40
CA CYS C 189 17.92 -14.70 -25.32
C CYS C 189 18.99 -15.77 -25.68
N PRO C 190 20.23 -15.37 -26.10
CA PRO C 190 21.24 -16.36 -26.53
C PRO C 190 22.23 -16.82 -25.45
N GLU C 191 21.98 -16.41 -24.20
CA GLU C 191 22.78 -16.75 -23.03
C GLU C 191 21.94 -17.58 -22.03
N PRO C 192 22.57 -18.52 -21.28
CA PRO C 192 21.79 -19.34 -20.35
C PRO C 192 21.39 -18.60 -19.09
N TYR C 193 20.22 -18.93 -18.61
CA TYR C 193 19.69 -18.36 -17.39
C TYR C 193 19.68 -19.47 -16.35
N ILE C 194 20.29 -19.25 -15.19
CA ILE C 194 20.36 -20.32 -14.20
C ILE C 194 19.35 -20.00 -13.02
N ASP C 195 18.85 -21.07 -12.36
CA ASP C 195 17.83 -20.96 -11.31
C ASP C 195 17.96 -22.05 -10.27
N VAL C 196 17.16 -21.94 -9.19
CA VAL C 196 17.10 -22.95 -8.14
C VAL C 196 15.66 -23.48 -8.13
N ASN C 197 15.50 -24.77 -8.40
CA ASN C 197 14.19 -25.41 -8.44
C ASN C 197 13.80 -25.99 -7.08
N LEU C 198 12.72 -25.41 -6.50
CA LEU C 198 12.13 -25.83 -5.22
C LEU C 198 11.06 -26.88 -5.54
N VAL C 199 11.31 -28.15 -5.15
CA VAL C 199 10.39 -29.26 -5.44
C VAL C 199 9.87 -29.87 -4.14
N VAL C 200 8.56 -29.77 -3.92
CA VAL C 200 7.96 -30.28 -2.69
C VAL C 200 7.00 -31.40 -3.00
N LYS C 201 7.01 -32.42 -2.13
CA LYS C 201 6.06 -33.54 -2.14
C LYS C 201 5.36 -33.48 -0.79
N PHE C 202 4.05 -33.37 -0.83
CA PHE C 202 3.24 -33.23 0.37
C PHE C 202 1.93 -33.98 0.21
N ARG C 203 1.16 -34.08 1.32
CA ARG C 203 -0.17 -34.72 1.39
C ARG C 203 -0.97 -34.16 2.56
N GLU C 204 -2.28 -34.45 2.61
CA GLU C 204 -3.12 -34.01 3.72
C GLU C 204 -2.74 -34.82 4.97
N ARG C 205 -2.65 -34.17 6.15
CA ARG C 205 -2.27 -34.76 7.43
C ARG C 205 -3.27 -35.82 7.88
N GLN D 1 32.67 -2.48 -11.00
CA GLN D 1 33.57 -1.77 -11.89
C GLN D 1 33.27 -0.26 -11.86
N ALA D 2 34.37 0.53 -11.78
CA ALA D 2 34.42 1.99 -11.76
C ALA D 2 33.88 2.63 -13.04
N ASN D 3 34.04 1.93 -14.20
CA ASN D 3 33.59 2.39 -15.50
C ASN D 3 32.07 2.54 -15.56
N LEU D 4 31.32 1.52 -15.11
CA LEU D 4 29.85 1.53 -15.11
C LEU D 4 29.28 2.59 -14.16
N MET D 5 29.92 2.78 -12.99
CA MET D 5 29.54 3.79 -12.00
C MET D 5 29.54 5.20 -12.64
N ARG D 6 30.59 5.51 -13.46
CA ARG D 6 30.74 6.78 -14.18
C ARG D 6 29.62 6.97 -15.22
N LEU D 7 29.33 5.93 -16.05
CA LEU D 7 28.31 5.95 -17.11
C LEU D 7 26.89 6.25 -16.58
N LYS D 8 26.49 5.60 -15.47
CA LYS D 8 25.18 5.80 -14.84
C LYS D 8 24.99 7.26 -14.41
N SER D 9 26.02 7.88 -13.78
CA SER D 9 25.95 9.29 -13.33
C SER D 9 26.10 10.26 -14.52
N ASP D 10 26.96 9.91 -15.51
CA ASP D 10 27.20 10.72 -16.72
C ASP D 10 25.92 10.81 -17.58
N LEU D 11 24.93 9.93 -17.32
CA LEU D 11 23.66 9.89 -18.03
C LEU D 11 22.50 10.51 -17.22
N PHE D 12 22.22 9.98 -16.00
CA PHE D 12 21.07 10.35 -15.16
C PHE D 12 21.27 11.56 -14.23
N ASN D 13 22.36 11.59 -13.46
CA ASN D 13 22.61 12.69 -12.50
C ASN D 13 23.18 13.95 -13.18
N ARG D 14 23.63 13.84 -14.46
CA ARG D 14 24.26 14.90 -15.24
C ARG D 14 23.29 15.65 -16.19
N SER D 15 22.25 14.95 -16.67
CA SER D 15 21.22 15.49 -17.57
C SER D 15 19.83 15.40 -16.89
N PRO D 16 18.89 16.38 -17.12
CA PRO D 16 17.55 16.24 -16.52
C PRO D 16 16.78 15.08 -17.15
N MET D 17 15.78 14.53 -16.42
CA MET D 17 15.03 13.38 -16.95
C MET D 17 14.24 13.75 -18.22
N TYR D 18 13.98 12.70 -19.03
CA TYR D 18 13.26 12.74 -20.29
C TYR D 18 11.83 13.20 -20.03
N PRO D 19 11.40 14.35 -20.63
CA PRO D 19 10.04 14.86 -20.34
C PRO D 19 8.91 14.11 -21.07
N GLY D 20 9.25 13.01 -21.74
CA GLY D 20 8.31 12.21 -22.50
C GLY D 20 8.25 12.64 -23.95
N PRO D 21 7.57 11.88 -24.84
CA PRO D 21 7.50 12.28 -26.25
C PRO D 21 6.63 13.49 -26.51
N THR D 22 6.86 14.15 -27.65
CA THR D 22 6.08 15.31 -28.12
C THR D 22 5.61 15.00 -29.54
N LYS D 23 4.80 15.88 -30.15
CA LYS D 23 4.35 15.68 -31.54
C LYS D 23 5.55 15.82 -32.51
N ASP D 24 6.52 16.68 -32.14
CA ASP D 24 7.73 16.99 -32.90
C ASP D 24 8.76 15.89 -32.76
N ASP D 25 8.89 15.31 -31.56
CA ASP D 25 9.82 14.21 -31.27
C ASP D 25 9.03 13.00 -30.74
N PRO D 26 8.35 12.24 -31.63
CA PRO D 26 7.53 11.13 -31.17
C PRO D 26 8.36 9.94 -30.73
N LEU D 27 7.66 8.87 -30.30
CA LEU D 27 8.29 7.65 -29.83
C LEU D 27 7.50 6.45 -30.25
N THR D 28 8.20 5.37 -30.64
CA THR D 28 7.52 4.14 -30.99
C THR D 28 7.91 3.08 -29.98
N VAL D 29 6.90 2.55 -29.29
CA VAL D 29 7.07 1.50 -28.30
C VAL D 29 6.63 0.17 -28.89
N THR D 30 7.54 -0.83 -28.88
CA THR D 30 7.30 -2.17 -29.39
C THR D 30 6.79 -3.00 -28.26
N LEU D 31 5.58 -3.55 -28.42
CA LEU D 31 4.92 -4.36 -27.40
C LEU D 31 4.87 -5.84 -27.76
N GLY D 32 4.81 -6.67 -26.73
CA GLY D 32 4.79 -8.12 -26.88
C GLY D 32 4.35 -8.81 -25.61
N PHE D 33 3.48 -9.81 -25.76
CA PHE D 33 2.92 -10.56 -24.63
C PHE D 33 3.34 -12.02 -24.62
N THR D 34 3.66 -12.49 -23.41
CA THR D 34 3.98 -13.88 -23.09
C THR D 34 2.99 -14.29 -22.05
N LEU D 35 1.98 -15.06 -22.45
CA LEU D 35 0.90 -15.50 -21.56
C LEU D 35 1.35 -16.74 -20.77
N GLN D 36 1.17 -16.66 -19.44
CA GLN D 36 1.60 -17.71 -18.51
C GLN D 36 0.47 -18.57 -17.99
N ASP D 37 -0.68 -17.97 -17.61
CA ASP D 37 -1.83 -18.71 -17.07
C ASP D 37 -3.09 -17.89 -17.05
N ILE D 38 -4.24 -18.57 -17.20
CA ILE D 38 -5.59 -18.05 -17.00
C ILE D 38 -5.95 -18.68 -15.65
N VAL D 39 -5.71 -17.91 -14.57
CA VAL D 39 -5.86 -18.37 -13.18
C VAL D 39 -7.29 -18.60 -12.77
N LYS D 40 -8.13 -17.58 -12.98
CA LYS D 40 -9.49 -17.54 -12.50
C LYS D 40 -10.43 -17.05 -13.58
N VAL D 41 -11.70 -17.47 -13.49
CA VAL D 41 -12.79 -17.06 -14.35
C VAL D 41 -13.98 -16.86 -13.40
N ASP D 42 -14.52 -15.63 -13.29
CA ASP D 42 -15.67 -15.37 -12.40
C ASP D 42 -16.87 -15.07 -13.25
N SER D 43 -17.68 -16.10 -13.49
CA SER D 43 -18.89 -16.07 -14.30
C SER D 43 -19.98 -15.15 -13.72
N SER D 44 -19.94 -14.81 -12.41
CA SER D 44 -20.97 -13.97 -11.81
C SER D 44 -20.69 -12.46 -11.99
N THR D 45 -19.42 -12.10 -12.32
CA THR D 45 -19.02 -10.69 -12.54
C THR D 45 -18.41 -10.48 -13.94
N ASN D 46 -18.21 -11.58 -14.69
CA ASN D 46 -17.57 -11.62 -16.02
C ASN D 46 -16.18 -10.94 -15.96
N GLU D 47 -15.37 -11.39 -14.97
CA GLU D 47 -14.01 -10.94 -14.70
C GLU D 47 -13.09 -12.13 -14.89
N VAL D 48 -12.02 -11.99 -15.69
CA VAL D 48 -11.08 -13.10 -15.90
C VAL D 48 -9.69 -12.62 -15.54
N ASP D 49 -8.94 -13.46 -14.80
CA ASP D 49 -7.59 -13.15 -14.32
C ASP D 49 -6.49 -13.80 -15.17
N LEU D 50 -5.59 -12.98 -15.74
CA LEU D 50 -4.45 -13.47 -16.50
C LEU D 50 -3.13 -13.16 -15.80
N VAL D 51 -2.16 -14.09 -15.91
CA VAL D 51 -0.79 -13.93 -15.44
C VAL D 51 0.01 -13.98 -16.71
N TYR D 52 0.80 -12.93 -16.97
CA TYR D 52 1.61 -12.78 -18.18
C TYR D 52 2.73 -11.79 -17.93
N TYR D 53 3.66 -11.71 -18.87
CA TYR D 53 4.68 -10.68 -18.81
C TYR D 53 4.65 -9.96 -20.14
N GLU D 54 4.79 -8.63 -20.04
CA GLU D 54 4.69 -7.69 -21.13
C GLU D 54 6.09 -7.16 -21.52
N GLN D 55 6.57 -7.44 -22.77
CA GLN D 55 7.87 -6.93 -23.18
C GLN D 55 7.71 -5.57 -23.84
N GLN D 56 8.25 -4.52 -23.18
CA GLN D 56 8.22 -3.11 -23.61
C GLN D 56 9.60 -2.74 -24.15
N ARG D 57 9.65 -2.08 -25.32
CA ARG D 57 10.91 -1.70 -25.95
C ARG D 57 10.80 -0.35 -26.65
N TRP D 58 11.76 0.56 -26.38
CA TRP D 58 11.84 1.88 -27.00
C TRP D 58 13.29 2.34 -27.08
N LYS D 59 13.58 3.39 -27.87
CA LYS D 59 14.94 3.94 -28.05
C LYS D 59 14.95 5.44 -27.74
N LEU D 60 15.95 5.89 -26.97
CA LEU D 60 16.12 7.31 -26.65
C LEU D 60 17.51 7.77 -27.05
N ASN D 61 17.58 8.90 -27.77
CA ASN D 61 18.88 9.43 -28.18
C ASN D 61 19.63 9.94 -26.95
N SER D 62 18.87 10.38 -25.92
CA SER D 62 19.39 10.85 -24.63
C SER D 62 20.08 9.72 -23.83
N LEU D 63 19.87 8.46 -24.25
CA LEU D 63 20.44 7.28 -23.57
C LEU D 63 21.56 6.59 -24.35
N MET D 64 22.07 7.26 -25.40
CA MET D 64 23.17 6.73 -26.20
C MET D 64 24.51 7.01 -25.54
N TRP D 65 25.53 6.18 -25.86
CA TRP D 65 26.91 6.33 -25.40
C TRP D 65 27.88 5.52 -26.29
N ASP D 66 29.17 5.95 -26.34
CA ASP D 66 30.23 5.24 -27.05
C ASP D 66 30.87 4.24 -26.08
N PRO D 67 30.73 2.90 -26.32
CA PRO D 67 31.28 1.91 -25.39
C PRO D 67 32.78 2.04 -25.17
N ASN D 68 33.54 2.49 -26.19
CA ASN D 68 34.99 2.69 -26.09
C ASN D 68 35.35 3.79 -25.09
N GLU D 69 34.47 4.81 -24.92
CA GLU D 69 34.68 5.91 -23.97
C GLU D 69 34.31 5.54 -22.53
N TYR D 70 33.73 4.34 -22.32
CA TYR D 70 33.29 3.87 -21.00
C TYR D 70 33.75 2.43 -20.67
N GLY D 71 34.92 2.02 -21.15
CA GLY D 71 35.48 0.69 -20.92
C GLY D 71 34.76 -0.48 -21.56
N ASN D 72 34.49 -0.38 -22.89
CA ASN D 72 33.84 -1.37 -23.76
C ASN D 72 32.53 -1.96 -23.15
N ILE D 73 31.73 -1.11 -22.44
CA ILE D 73 30.43 -1.49 -21.85
C ILE D 73 29.37 -1.28 -22.91
N THR D 74 28.69 -2.36 -23.31
CA THR D 74 27.66 -2.29 -24.34
C THR D 74 26.27 -2.02 -23.75
N ASP D 75 26.00 -2.55 -22.54
CA ASP D 75 24.70 -2.42 -21.88
C ASP D 75 24.81 -2.49 -20.34
N PHE D 76 23.68 -2.24 -19.63
CA PHE D 76 23.57 -2.30 -18.17
C PHE D 76 22.10 -2.36 -17.70
N ARG D 77 21.90 -2.92 -16.51
CA ARG D 77 20.61 -3.03 -15.84
C ARG D 77 20.43 -1.83 -14.89
N THR D 78 19.19 -1.33 -14.76
CA THR D 78 18.89 -0.18 -13.88
C THR D 78 17.42 -0.19 -13.43
N SER D 79 17.14 0.46 -12.29
CA SER D 79 15.79 0.57 -11.76
C SER D 79 14.94 1.33 -12.73
N ALA D 80 13.70 0.86 -12.94
CA ALA D 80 12.72 1.50 -13.83
C ALA D 80 12.34 2.90 -13.34
N ALA D 81 12.72 3.24 -12.09
CA ALA D 81 12.52 4.54 -11.46
C ALA D 81 13.52 5.56 -12.01
N ASP D 82 14.76 5.11 -12.31
CA ASP D 82 15.87 5.90 -12.83
C ASP D 82 15.63 6.40 -14.27
N ILE D 83 14.62 5.84 -14.96
CA ILE D 83 14.35 6.17 -16.36
C ILE D 83 12.85 6.42 -16.63
N TRP D 84 12.56 7.08 -17.76
CA TRP D 84 11.21 7.31 -18.24
C TRP D 84 10.69 5.98 -18.76
N THR D 85 9.41 5.70 -18.51
CA THR D 85 8.76 4.47 -18.95
C THR D 85 7.39 4.80 -19.53
N PRO D 86 6.97 4.09 -20.62
CA PRO D 86 5.67 4.41 -21.24
C PRO D 86 4.49 4.01 -20.36
N ASP D 87 3.41 4.83 -20.39
CA ASP D 87 2.19 4.63 -19.61
C ASP D 87 1.23 3.65 -20.30
N ILE D 88 1.75 2.45 -20.66
CA ILE D 88 0.94 1.41 -21.30
C ILE D 88 -0.03 0.86 -20.28
N THR D 89 -1.35 1.06 -20.53
CA THR D 89 -2.48 0.74 -19.66
C THR D 89 -3.51 -0.20 -20.32
N ALA D 90 -4.11 -1.12 -19.53
CA ALA D 90 -5.16 -2.01 -20.01
C ALA D 90 -6.50 -1.25 -20.01
N TYR D 91 -7.14 -1.17 -21.16
CA TYR D 91 -8.35 -0.37 -21.33
C TYR D 91 -9.62 -1.01 -20.75
N SER D 92 -9.60 -2.31 -20.34
CA SER D 92 -10.79 -2.95 -19.75
C SER D 92 -10.45 -3.68 -18.43
N SER D 93 -9.49 -3.16 -17.63
CA SER D 93 -9.18 -3.76 -16.32
C SER D 93 -10.30 -3.47 -15.32
N THR D 94 -10.47 -4.32 -14.29
CA THR D 94 -11.52 -4.14 -13.29
C THR D 94 -10.94 -3.91 -11.90
N ARG D 95 -9.64 -4.16 -11.74
CA ARG D 95 -8.86 -4.01 -10.50
C ARG D 95 -7.43 -3.60 -10.86
N PRO D 96 -6.73 -2.82 -9.99
CA PRO D 96 -5.37 -2.39 -10.33
C PRO D 96 -4.45 -3.57 -10.63
N VAL D 97 -3.63 -3.44 -11.70
CA VAL D 97 -2.71 -4.49 -12.08
C VAL D 97 -1.74 -4.77 -10.91
N GLN D 98 -1.42 -6.06 -10.67
CA GLN D 98 -0.51 -6.50 -9.61
C GLN D 98 0.83 -6.84 -10.24
N VAL D 99 1.92 -6.16 -9.81
CA VAL D 99 3.25 -6.42 -10.39
C VAL D 99 3.88 -7.63 -9.71
N LEU D 100 4.34 -8.59 -10.53
CA LEU D 100 4.92 -9.84 -10.05
C LEU D 100 6.44 -9.96 -10.31
N SER D 101 7.06 -8.96 -10.97
CA SER D 101 8.49 -8.95 -11.28
C SER D 101 9.23 -7.69 -10.72
N PRO D 102 10.59 -7.75 -10.55
CA PRO D 102 11.35 -6.57 -10.15
C PRO D 102 11.24 -5.42 -11.17
N GLN D 103 11.24 -4.18 -10.67
CA GLN D 103 11.15 -2.99 -11.51
C GLN D 103 12.55 -2.60 -12.00
N ILE D 104 13.13 -3.48 -12.84
CA ILE D 104 14.46 -3.29 -13.43
C ILE D 104 14.33 -3.41 -14.94
N ALA D 105 15.03 -2.51 -15.67
CA ALA D 105 15.08 -2.44 -17.12
C ALA D 105 16.53 -2.53 -17.57
N VAL D 106 16.77 -2.92 -18.82
CA VAL D 106 18.12 -3.03 -19.37
C VAL D 106 18.29 -2.01 -20.53
N VAL D 107 19.30 -1.14 -20.39
CA VAL D 107 19.65 -0.07 -21.33
C VAL D 107 20.90 -0.50 -22.13
N THR D 108 20.89 -0.26 -23.45
CA THR D 108 21.99 -0.59 -24.37
C THR D 108 22.60 0.72 -24.93
N HIS D 109 23.89 0.71 -25.33
CA HIS D 109 24.67 1.85 -25.83
C HIS D 109 24.01 2.61 -26.98
N ASP D 110 23.14 1.97 -27.77
CA ASP D 110 22.42 2.61 -28.89
C ASP D 110 21.22 3.44 -28.37
N GLY D 111 20.99 3.40 -27.07
CA GLY D 111 19.89 4.11 -26.41
C GLY D 111 18.61 3.30 -26.30
N SER D 112 18.62 2.04 -26.75
CA SER D 112 17.42 1.20 -26.68
C SER D 112 17.23 0.61 -25.25
N VAL D 113 15.99 0.70 -24.75
CA VAL D 113 15.60 0.24 -23.42
C VAL D 113 14.64 -0.95 -23.52
N MET D 114 14.80 -1.92 -22.62
CA MET D 114 13.91 -3.06 -22.56
C MET D 114 13.40 -3.27 -21.18
N PHE D 115 12.08 -3.36 -21.04
CA PHE D 115 11.42 -3.54 -19.76
C PHE D 115 10.43 -4.68 -19.88
N ILE D 116 10.56 -5.69 -19.00
CA ILE D 116 9.70 -6.87 -19.11
C ILE D 116 8.84 -7.06 -17.81
N PRO D 117 7.82 -6.19 -17.57
CA PRO D 117 7.01 -6.34 -16.37
C PRO D 117 6.05 -7.55 -16.35
N ALA D 118 6.23 -8.45 -15.35
CA ALA D 118 5.30 -9.56 -15.12
C ALA D 118 4.12 -9.04 -14.30
N GLN D 119 2.89 -9.46 -14.64
CA GLN D 119 1.72 -8.96 -13.91
C GLN D 119 0.51 -9.88 -13.94
N ARG D 120 -0.37 -9.66 -12.93
CA ARG D 120 -1.67 -10.32 -12.78
C ARG D 120 -2.76 -9.27 -13.12
N LEU D 121 -3.59 -9.55 -14.15
CA LEU D 121 -4.62 -8.62 -14.61
C LEU D 121 -6.04 -9.23 -14.54
N SER D 122 -6.99 -8.46 -14.01
CA SER D 122 -8.42 -8.79 -13.94
C SER D 122 -9.11 -7.90 -14.92
N PHE D 123 -9.71 -8.49 -15.95
CA PHE D 123 -10.36 -7.67 -16.97
C PHE D 123 -11.75 -8.22 -17.31
N MET D 124 -12.56 -7.36 -17.93
CA MET D 124 -13.92 -7.62 -18.39
C MET D 124 -13.90 -8.66 -19.52
N CYS D 125 -14.46 -9.84 -19.22
CA CYS D 125 -14.51 -11.00 -20.11
C CYS D 125 -15.69 -11.92 -19.73
N ASP D 126 -16.67 -12.11 -20.65
CA ASP D 126 -17.80 -13.01 -20.40
C ASP D 126 -17.35 -14.44 -20.73
N PRO D 127 -17.26 -15.32 -19.70
CA PRO D 127 -16.73 -16.66 -19.95
C PRO D 127 -17.77 -17.69 -20.37
N THR D 128 -18.98 -17.24 -20.74
CA THR D 128 -20.09 -18.12 -21.13
C THR D 128 -19.67 -19.00 -22.31
N GLY D 129 -19.63 -20.31 -22.07
CA GLY D 129 -19.27 -21.31 -23.06
C GLY D 129 -17.82 -21.78 -23.01
N VAL D 130 -17.09 -21.43 -21.93
CA VAL D 130 -15.70 -21.86 -21.73
C VAL D 130 -15.64 -23.40 -21.56
N ASP D 131 -16.74 -23.99 -21.03
CA ASP D 131 -16.96 -25.40 -20.77
C ASP D 131 -17.19 -26.21 -22.06
N SER D 132 -17.40 -25.51 -23.21
CA SER D 132 -17.64 -26.17 -24.49
C SER D 132 -16.32 -26.51 -25.21
N GLU D 133 -16.43 -27.40 -26.24
CA GLU D 133 -15.32 -27.83 -27.09
C GLU D 133 -14.81 -26.64 -27.94
N GLU D 134 -15.73 -25.77 -28.36
CA GLU D 134 -15.52 -24.56 -29.16
C GLU D 134 -14.76 -23.50 -28.37
N GLY D 135 -15.05 -23.42 -27.07
CA GLY D 135 -14.44 -22.46 -26.16
C GLY D 135 -15.08 -21.09 -26.19
N VAL D 136 -14.45 -20.13 -25.51
CA VAL D 136 -14.89 -18.73 -25.43
C VAL D 136 -13.71 -17.82 -25.86
N THR D 137 -14.02 -16.65 -26.45
CA THR D 137 -13.01 -15.68 -26.89
C THR D 137 -13.14 -14.41 -26.09
N CYS D 138 -12.00 -13.83 -25.67
CA CYS D 138 -11.95 -12.59 -24.90
C CYS D 138 -10.80 -11.72 -25.33
N ALA D 139 -10.97 -10.41 -25.20
CA ALA D 139 -9.96 -9.45 -25.61
C ALA D 139 -9.78 -8.34 -24.59
N VAL D 140 -8.59 -7.71 -24.63
CA VAL D 140 -8.20 -6.57 -23.79
C VAL D 140 -7.20 -5.67 -24.60
N LYS D 141 -7.48 -4.36 -24.67
CA LYS D 141 -6.63 -3.41 -25.39
C LYS D 141 -5.61 -2.80 -24.43
N PHE D 142 -4.39 -2.61 -24.93
CA PHE D 142 -3.30 -2.00 -24.17
C PHE D 142 -2.78 -0.80 -24.94
N GLY D 143 -2.54 0.30 -24.24
CA GLY D 143 -2.02 1.51 -24.88
C GLY D 143 -1.80 2.65 -23.91
N SER D 144 -1.28 3.77 -24.41
CA SER D 144 -1.04 4.95 -23.57
C SER D 144 -2.35 5.52 -23.10
N TRP D 145 -2.38 6.01 -21.87
CA TRP D 145 -3.57 6.62 -21.31
C TRP D 145 -3.63 8.12 -21.63
N VAL D 146 -2.46 8.76 -21.83
CA VAL D 146 -2.40 10.21 -22.08
C VAL D 146 -1.81 10.60 -23.44
N TYR D 147 -0.98 9.76 -24.05
CA TYR D 147 -0.34 10.13 -25.30
C TYR D 147 -1.10 9.65 -26.52
N SER D 148 -1.27 10.55 -27.50
CA SER D 148 -1.95 10.26 -28.77
C SER D 148 -1.05 9.48 -29.73
N GLY D 149 -1.53 9.33 -30.96
CA GLY D 149 -0.80 8.63 -32.00
C GLY D 149 0.34 9.48 -32.51
N PHE D 150 0.24 10.77 -32.30
CA PHE D 150 1.25 11.69 -32.74
C PHE D 150 2.39 11.80 -31.74
N GLU D 151 2.19 11.22 -30.52
CA GLU D 151 3.19 11.26 -29.46
C GLU D 151 3.79 9.89 -29.27
N ILE D 152 2.96 8.88 -28.97
CA ILE D 152 3.42 7.50 -28.78
C ILE D 152 2.76 6.61 -29.83
N ASP D 153 3.60 5.89 -30.57
CA ASP D 153 3.18 4.92 -31.56
C ASP D 153 3.52 3.53 -31.04
N LEU D 154 2.74 2.55 -31.46
CA LEU D 154 2.92 1.19 -31.02
C LEU D 154 3.22 0.29 -32.19
N LYS D 155 3.87 -0.86 -31.91
CA LYS D 155 4.13 -1.88 -32.93
C LYS D 155 4.37 -3.23 -32.24
N THR D 156 4.24 -4.33 -32.99
CA THR D 156 4.50 -5.68 -32.47
C THR D 156 5.49 -6.36 -33.36
N ASP D 157 6.42 -7.15 -32.78
CA ASP D 157 7.38 -7.88 -33.63
C ASP D 157 6.71 -9.11 -34.26
N THR D 158 5.58 -9.56 -33.67
CA THR D 158 4.77 -10.67 -34.15
C THR D 158 3.32 -10.46 -33.73
N ASP D 159 2.38 -11.01 -34.49
CA ASP D 159 0.96 -10.98 -34.17
C ASP D 159 0.59 -12.19 -33.29
N GLN D 160 1.53 -13.15 -33.09
CA GLN D 160 1.32 -14.34 -32.26
C GLN D 160 1.87 -14.16 -30.86
N VAL D 161 1.01 -14.33 -29.86
CA VAL D 161 1.36 -14.24 -28.45
C VAL D 161 2.23 -15.44 -28.08
N ASP D 162 3.28 -15.22 -27.28
CA ASP D 162 4.17 -16.29 -26.85
C ASP D 162 3.48 -17.20 -25.83
N LEU D 163 3.19 -18.42 -26.23
CA LEU D 163 2.53 -19.37 -25.35
C LEU D 163 3.49 -20.48 -24.91
N SER D 164 4.79 -20.34 -25.26
CA SER D 164 5.85 -21.31 -24.97
C SER D 164 6.05 -21.49 -23.46
N SER D 165 5.67 -20.51 -22.65
CA SER D 165 5.83 -20.59 -21.20
C SER D 165 4.45 -20.70 -20.51
N TYR D 166 3.38 -21.05 -21.28
CA TYR D 166 2.03 -21.19 -20.69
C TYR D 166 2.01 -22.39 -19.76
N TYR D 167 1.32 -22.22 -18.59
CA TYR D 167 1.21 -23.22 -17.52
C TYR D 167 0.51 -24.46 -18.02
N ALA D 168 1.29 -25.56 -18.09
CA ALA D 168 0.83 -26.84 -18.62
C ALA D 168 -0.41 -27.41 -17.91
N SER D 169 -0.47 -27.31 -16.58
CA SER D 169 -1.59 -27.85 -15.83
C SER D 169 -2.63 -26.77 -15.48
N SER D 170 -2.81 -25.77 -16.37
CA SER D 170 -3.83 -24.73 -16.18
C SER D 170 -5.21 -25.33 -16.33
N LYS D 171 -6.21 -24.78 -15.63
CA LYS D 171 -7.60 -25.25 -15.73
C LYS D 171 -8.16 -24.91 -17.11
N TYR D 172 -7.47 -24.03 -17.86
CA TYR D 172 -7.88 -23.54 -19.17
C TYR D 172 -6.80 -23.70 -20.25
N GLU D 173 -7.18 -24.34 -21.38
CA GLU D 173 -6.38 -24.54 -22.61
C GLU D 173 -6.41 -23.30 -23.49
N ILE D 174 -5.28 -22.90 -24.12
CA ILE D 174 -5.37 -21.76 -25.05
C ILE D 174 -5.59 -22.31 -26.45
N LEU D 175 -6.62 -21.84 -27.13
CA LEU D 175 -6.92 -22.30 -28.49
C LEU D 175 -6.19 -21.40 -29.49
N SER D 176 -6.09 -20.10 -29.18
CA SER D 176 -5.36 -19.10 -29.94
C SER D 176 -5.12 -17.88 -29.09
N ALA D 177 -4.01 -17.19 -29.31
CA ALA D 177 -3.68 -15.94 -28.61
C ALA D 177 -2.99 -15.03 -29.62
N THR D 178 -3.56 -13.85 -29.79
CA THR D 178 -3.17 -12.90 -30.79
C THR D 178 -2.90 -11.50 -30.22
N GLN D 179 -1.93 -10.79 -30.81
CA GLN D 179 -1.58 -9.42 -30.44
C GLN D 179 -1.60 -8.59 -31.73
N THR D 180 -2.61 -7.73 -31.87
CA THR D 180 -2.80 -6.93 -33.09
C THR D 180 -2.87 -5.44 -32.82
N ARG D 181 -2.09 -4.67 -33.61
CA ARG D 181 -2.08 -3.22 -33.48
C ARG D 181 -3.38 -2.64 -34.05
N GLN D 182 -3.94 -1.65 -33.34
CA GLN D 182 -5.18 -0.99 -33.74
C GLN D 182 -5.04 0.53 -33.70
N VAL D 183 -5.73 1.24 -34.62
CA VAL D 183 -5.77 2.71 -34.65
C VAL D 183 -7.21 3.15 -34.43
N GLN D 184 -7.50 3.82 -33.31
CA GLN D 184 -8.87 4.20 -32.93
C GLN D 184 -9.07 5.69 -32.76
N HIS D 185 -10.31 6.11 -32.97
CA HIS D 185 -10.70 7.50 -32.80
C HIS D 185 -11.76 7.60 -31.73
N TYR D 186 -11.49 8.42 -30.71
CA TYR D 186 -12.40 8.60 -29.60
C TYR D 186 -12.93 10.04 -29.64
N SER D 187 -14.15 10.26 -29.09
CA SER D 187 -14.86 11.56 -29.08
C SER D 187 -14.03 12.67 -28.42
N CYS D 188 -13.37 12.33 -27.29
CA CYS D 188 -12.52 13.16 -26.45
C CYS D 188 -11.53 14.02 -27.21
N CYS D 189 -10.96 13.45 -28.28
CA CYS D 189 -9.76 13.95 -28.89
C CYS D 189 -9.81 13.94 -30.41
N PRO D 190 -9.31 15.03 -31.03
CA PRO D 190 -9.26 15.12 -32.51
C PRO D 190 -8.21 14.24 -33.19
N GLU D 191 -7.24 13.75 -32.38
CA GLU D 191 -6.10 12.95 -32.82
C GLU D 191 -6.36 11.44 -32.56
N PRO D 192 -5.69 10.54 -33.33
CA PRO D 192 -5.92 9.11 -33.12
C PRO D 192 -5.12 8.59 -31.95
N TYR D 193 -5.56 7.44 -31.40
CA TYR D 193 -4.93 6.74 -30.30
C TYR D 193 -4.65 5.32 -30.78
N ILE D 194 -3.52 4.76 -30.35
CA ILE D 194 -3.09 3.44 -30.78
C ILE D 194 -3.12 2.53 -29.59
N ASP D 195 -3.44 1.28 -29.88
CA ASP D 195 -3.46 0.20 -28.91
C ASP D 195 -3.03 -1.10 -29.56
N VAL D 196 -2.72 -2.07 -28.72
CA VAL D 196 -2.42 -3.44 -29.11
C VAL D 196 -3.54 -4.28 -28.50
N ASN D 197 -4.29 -4.97 -29.37
CA ASN D 197 -5.40 -5.80 -28.93
C ASN D 197 -4.96 -7.24 -28.68
N LEU D 198 -5.04 -7.67 -27.38
CA LEU D 198 -4.73 -9.02 -26.90
C LEU D 198 -6.01 -9.82 -26.97
N VAL D 199 -6.08 -10.80 -27.88
CA VAL D 199 -7.28 -11.61 -28.08
C VAL D 199 -6.98 -13.07 -27.82
N VAL D 200 -7.61 -13.64 -26.78
CA VAL D 200 -7.36 -15.04 -26.46
C VAL D 200 -8.66 -15.89 -26.45
N LYS D 201 -8.65 -16.94 -27.30
CA LYS D 201 -9.69 -17.96 -27.42
C LYS D 201 -9.22 -19.13 -26.56
N PHE D 202 -10.03 -19.51 -25.57
CA PHE D 202 -9.66 -20.54 -24.60
C PHE D 202 -10.86 -21.40 -24.20
N ARG D 203 -10.59 -22.52 -23.51
CA ARG D 203 -11.61 -23.45 -23.04
C ARG D 203 -11.14 -24.20 -21.79
N GLU D 204 -12.08 -24.80 -21.06
CA GLU D 204 -11.78 -25.60 -19.88
C GLU D 204 -11.06 -26.87 -20.31
N ARG D 205 -9.88 -27.13 -19.71
CA ARG D 205 -9.05 -28.30 -20.00
C ARG D 205 -9.73 -29.57 -19.53
N GLN E 1 13.54 17.06 -26.17
CA GLN E 1 13.70 18.49 -26.48
C GLN E 1 13.84 19.32 -25.18
N ALA E 2 14.87 20.20 -25.14
CA ALA E 2 15.19 21.08 -24.02
C ALA E 2 14.20 22.24 -23.88
N ASN E 3 13.53 22.65 -25.00
CA ASN E 3 12.53 23.74 -25.01
C ASN E 3 11.43 23.46 -23.99
N LEU E 4 11.00 22.18 -23.92
CA LEU E 4 9.99 21.73 -23.00
C LEU E 4 10.54 21.65 -21.56
N MET E 5 11.79 21.15 -21.41
CA MET E 5 12.48 21.00 -20.13
C MET E 5 12.65 22.36 -19.43
N ARG E 6 12.89 23.43 -20.22
CA ARG E 6 13.01 24.82 -19.75
C ARG E 6 11.62 25.35 -19.30
N LEU E 7 10.53 25.02 -20.05
CA LEU E 7 9.16 25.45 -19.74
C LEU E 7 8.68 24.85 -18.40
N LYS E 8 8.88 23.52 -18.21
CA LYS E 8 8.52 22.79 -17.00
C LYS E 8 9.23 23.38 -15.77
N SER E 9 10.51 23.81 -15.98
CA SER E 9 11.38 24.47 -14.99
C SER E 9 10.83 25.86 -14.66
N ASP E 10 10.53 26.68 -15.69
CA ASP E 10 10.03 28.05 -15.54
C ASP E 10 8.60 28.11 -14.98
N LEU E 11 7.84 27.01 -15.09
CA LEU E 11 6.49 26.96 -14.54
C LEU E 11 6.50 26.52 -13.07
N PHE E 12 6.96 25.27 -12.83
CA PHE E 12 6.92 24.61 -11.52
C PHE E 12 8.08 24.96 -10.58
N ASN E 13 9.34 24.86 -11.05
CA ASN E 13 10.50 25.07 -10.19
C ASN E 13 10.84 26.55 -9.95
N ARG E 14 10.28 27.47 -10.77
CA ARG E 14 10.52 28.91 -10.66
C ARG E 14 9.47 29.60 -9.76
N SER E 15 8.18 29.21 -9.88
CA SER E 15 7.08 29.80 -9.11
C SER E 15 6.59 28.85 -8.01
N PRO E 16 6.12 29.36 -6.82
CA PRO E 16 5.59 28.44 -5.79
C PRO E 16 4.26 27.83 -6.25
N MET E 17 3.90 26.61 -5.74
CA MET E 17 2.69 25.94 -6.20
C MET E 17 1.42 26.74 -5.86
N TYR E 18 0.36 26.54 -6.70
CA TYR E 18 -0.97 27.13 -6.58
C TYR E 18 -1.57 26.69 -5.24
N PRO E 19 -1.89 27.66 -4.35
CA PRO E 19 -2.41 27.29 -3.02
C PRO E 19 -3.88 26.85 -3.00
N GLY E 20 -4.45 26.67 -4.20
CA GLY E 20 -5.85 26.27 -4.36
C GLY E 20 -6.74 27.48 -4.51
N PRO E 21 -8.04 27.29 -4.81
CA PRO E 21 -8.93 28.46 -4.99
C PRO E 21 -9.29 29.16 -3.68
N THR E 22 -9.68 30.44 -3.79
CA THR E 22 -10.12 31.28 -2.68
C THR E 22 -11.47 31.88 -3.07
N LYS E 23 -12.12 32.62 -2.15
CA LYS E 23 -13.40 33.27 -2.45
C LYS E 23 -13.18 34.39 -3.49
N ASP E 24 -11.99 35.04 -3.43
CA ASP E 24 -11.55 36.14 -4.30
C ASP E 24 -11.09 35.64 -5.66
N ASP E 25 -10.43 34.49 -5.71
CA ASP E 25 -10.00 33.85 -6.96
C ASP E 25 -10.63 32.44 -7.07
N PRO E 26 -11.94 32.34 -7.43
CA PRO E 26 -12.58 31.02 -7.50
C PRO E 26 -12.12 30.23 -8.71
N LEU E 27 -12.65 29.00 -8.83
CA LEU E 27 -12.32 28.07 -9.89
C LEU E 27 -13.51 27.26 -10.31
N THR E 28 -13.64 27.02 -11.61
CA THR E 28 -14.71 26.19 -12.10
C THR E 28 -14.11 24.95 -12.72
N VAL E 29 -14.49 23.79 -12.15
CA VAL E 29 -14.04 22.49 -12.62
C VAL E 29 -15.17 21.84 -13.41
N THR E 30 -14.87 21.48 -14.67
CA THR E 30 -15.82 20.82 -15.57
C THR E 30 -15.65 19.32 -15.39
N LEU E 31 -16.76 18.65 -15.06
CA LEU E 31 -16.80 17.22 -14.78
C LEU E 31 -17.54 16.46 -15.87
N GLY E 32 -17.18 15.19 -16.01
CA GLY E 32 -17.79 14.31 -16.98
C GLY E 32 -17.44 12.86 -16.74
N PHE E 33 -18.45 12.00 -16.88
CA PHE E 33 -18.29 10.56 -16.64
C PHE E 33 -18.48 9.71 -17.88
N THR E 34 -17.60 8.71 -18.01
CA THR E 34 -17.62 7.70 -19.04
C THR E 34 -17.71 6.37 -18.32
N LEU E 35 -18.92 5.78 -18.30
CA LEU E 35 -19.20 4.52 -17.59
C LEU E 35 -18.77 3.32 -18.46
N GLN E 36 -17.96 2.42 -17.86
CA GLN E 36 -17.41 1.26 -18.54
C GLN E 36 -18.09 -0.06 -18.19
N ASP E 37 -18.38 -0.30 -16.89
CA ASP E 37 -19.01 -1.55 -16.44
C ASP E 37 -19.57 -1.43 -15.03
N ILE E 38 -20.64 -2.19 -14.76
CA ILE E 38 -21.23 -2.41 -13.45
C ILE E 38 -20.78 -3.83 -13.16
N VAL E 39 -19.66 -3.95 -12.45
CA VAL E 39 -18.99 -5.23 -12.19
C VAL E 39 -19.79 -6.15 -11.27
N LYS E 40 -20.27 -5.64 -10.12
CA LYS E 40 -21.06 -6.46 -9.21
C LYS E 40 -22.04 -5.63 -8.42
N VAL E 41 -22.94 -6.35 -7.77
CA VAL E 41 -24.05 -5.83 -6.99
C VAL E 41 -24.13 -6.74 -5.76
N ASP E 42 -23.99 -6.17 -4.55
CA ASP E 42 -24.08 -6.95 -3.31
C ASP E 42 -25.36 -6.58 -2.61
N SER E 43 -26.41 -7.38 -2.83
CA SER E 43 -27.75 -7.21 -2.27
C SER E 43 -27.79 -7.34 -0.74
N SER E 44 -26.78 -7.97 -0.10
CA SER E 44 -26.78 -8.14 1.34
C SER E 44 -26.21 -6.91 2.09
N THR E 45 -25.46 -6.04 1.39
CA THR E 45 -24.85 -4.83 1.96
C THR E 45 -25.29 -3.55 1.22
N ASN E 46 -26.04 -3.70 0.11
CA ASN E 46 -26.51 -2.63 -0.79
C ASN E 46 -25.31 -1.78 -1.26
N GLU E 47 -24.27 -2.46 -1.77
CA GLU E 47 -23.04 -1.90 -2.32
C GLU E 47 -22.97 -2.27 -3.77
N VAL E 48 -22.74 -1.30 -4.65
CA VAL E 48 -22.62 -1.59 -6.08
C VAL E 48 -21.26 -1.07 -6.59
N ASP E 49 -20.56 -1.89 -7.41
CA ASP E 49 -19.24 -1.56 -7.94
C ASP E 49 -19.29 -1.06 -9.39
N LEU E 50 -18.77 0.16 -9.63
CA LEU E 50 -18.66 0.73 -10.97
C LEU E 50 -17.23 0.87 -11.41
N VAL E 51 -16.99 0.71 -12.72
CA VAL E 51 -15.71 0.97 -13.38
C VAL E 51 -16.03 2.06 -14.37
N TYR E 52 -15.32 3.19 -14.28
CA TYR E 52 -15.53 4.37 -15.11
C TYR E 52 -14.30 5.24 -15.10
N TYR E 53 -14.29 6.27 -15.95
CA TYR E 53 -13.24 7.27 -15.92
C TYR E 53 -13.93 8.63 -15.86
N GLU E 54 -13.37 9.49 -15.03
CA GLU E 54 -13.82 10.84 -14.72
C GLU E 54 -12.97 11.84 -15.52
N GLN E 55 -13.59 12.71 -16.29
CA GLN E 55 -12.84 13.72 -17.04
C GLN E 55 -12.94 15.03 -16.23
N GLN E 56 -11.79 15.48 -15.72
CA GLN E 56 -11.62 16.70 -14.93
C GLN E 56 -10.98 17.77 -15.80
N ARG E 57 -11.47 19.02 -15.69
CA ARG E 57 -10.93 20.12 -16.48
C ARG E 57 -11.04 21.44 -15.72
N TRP E 58 -9.93 22.21 -15.69
CA TRP E 58 -9.86 23.53 -15.05
C TRP E 58 -8.80 24.37 -15.75
N LYS E 59 -8.80 25.70 -15.51
CA LYS E 59 -7.84 26.63 -16.13
C LYS E 59 -7.13 27.46 -15.03
N LEU E 60 -5.80 27.59 -15.13
CA LEU E 60 -5.01 28.37 -14.18
C LEU E 60 -4.20 29.41 -14.91
N ASN E 61 -4.26 30.66 -14.44
CA ASN E 61 -3.50 31.75 -15.06
C ASN E 61 -2.01 31.51 -14.80
N SER E 62 -1.69 30.88 -13.66
CA SER E 62 -0.33 30.51 -13.24
C SER E 62 0.30 29.45 -14.19
N LEU E 63 -0.51 28.82 -15.07
CA LEU E 63 -0.06 27.78 -15.98
C LEU E 63 -0.11 28.17 -17.47
N MET E 64 -0.39 29.43 -17.83
CA MET E 64 -0.41 29.78 -19.27
C MET E 64 0.94 30.35 -19.74
N TRP E 65 1.24 30.24 -21.06
CA TRP E 65 2.50 30.73 -21.67
C TRP E 65 2.36 31.01 -23.19
N ASP E 66 3.33 31.79 -23.76
CA ASP E 66 3.42 32.08 -25.18
C ASP E 66 4.19 30.96 -25.87
N PRO E 67 3.52 30.16 -26.74
CA PRO E 67 4.20 29.03 -27.39
C PRO E 67 5.42 29.43 -28.21
N ASN E 68 5.38 30.63 -28.84
CA ASN E 68 6.48 31.17 -29.64
C ASN E 68 7.74 31.39 -28.82
N GLU E 69 7.59 31.69 -27.50
CA GLU E 69 8.70 31.90 -26.58
C GLU E 69 9.31 30.57 -26.08
N TYR E 70 8.67 29.41 -26.39
CA TYR E 70 9.13 28.09 -25.95
C TYR E 70 9.16 27.04 -27.07
N GLY E 71 9.52 27.45 -28.28
CA GLY E 71 9.63 26.58 -29.45
C GLY E 71 8.35 25.96 -29.97
N ASN E 72 7.30 26.80 -30.18
CA ASN E 72 5.97 26.47 -30.70
C ASN E 72 5.35 25.20 -30.02
N ILE E 73 5.56 25.05 -28.68
CA ILE E 73 4.98 23.95 -27.89
C ILE E 73 3.62 24.43 -27.41
N THR E 74 2.55 23.73 -27.83
CA THR E 74 1.19 24.13 -27.48
C THR E 74 0.74 23.49 -26.15
N ASP E 75 1.16 22.25 -25.90
CA ASP E 75 0.78 21.49 -24.71
C ASP E 75 1.85 20.48 -24.28
N PHE E 76 1.65 19.82 -23.12
CA PHE E 76 2.54 18.79 -22.58
C PHE E 76 1.85 17.96 -21.48
N ARG E 77 2.34 16.72 -21.31
CA ARG E 77 1.89 15.78 -20.30
C ARG E 77 2.81 15.88 -19.08
N THR E 78 2.25 15.72 -17.87
CA THR E 78 3.01 15.80 -16.62
C THR E 78 2.33 15.02 -15.50
N SER E 79 3.13 14.59 -14.49
CA SER E 79 2.61 13.87 -13.34
C SER E 79 1.64 14.75 -12.58
N ALA E 80 0.52 14.16 -12.16
CA ALA E 80 -0.54 14.84 -11.41
C ALA E 80 -0.01 15.33 -10.04
N ALA E 81 1.20 14.86 -9.66
CA ALA E 81 1.88 15.22 -8.43
C ALA E 81 2.50 16.60 -8.52
N ASP E 82 3.09 16.98 -9.67
CA ASP E 82 3.71 18.30 -9.72
C ASP E 82 2.69 19.46 -9.99
N ILE E 83 1.38 19.14 -10.09
CA ILE E 83 0.37 20.18 -10.26
C ILE E 83 -0.74 20.05 -9.20
N TRP E 84 -1.47 21.15 -8.97
CA TRP E 84 -2.63 21.17 -8.08
C TRP E 84 -3.75 20.43 -8.81
N THR E 85 -4.53 19.64 -8.05
CA THR E 85 -5.66 18.89 -8.59
C THR E 85 -6.87 19.04 -7.68
N PRO E 86 -8.11 19.15 -8.23
CA PRO E 86 -9.28 19.32 -7.37
C PRO E 86 -9.60 18.05 -6.58
N ASP E 87 -10.04 18.23 -5.33
CA ASP E 87 -10.40 17.17 -4.39
C ASP E 87 -11.84 16.65 -4.66
N ILE E 88 -12.15 16.28 -5.91
CA ILE E 88 -13.48 15.75 -6.27
C ILE E 88 -13.60 14.36 -5.68
N THR E 89 -14.55 14.20 -4.74
CA THR E 89 -14.79 13.00 -3.91
C THR E 89 -16.23 12.46 -4.05
N ALA E 90 -16.40 11.12 -4.01
CA ALA E 90 -17.73 10.50 -4.04
C ALA E 90 -18.32 10.55 -2.64
N TYR E 91 -19.50 11.14 -2.53
CA TYR E 91 -20.15 11.39 -1.24
C TYR E 91 -20.81 10.15 -0.60
N SER E 92 -20.97 9.02 -1.34
CA SER E 92 -21.58 7.81 -0.79
C SER E 92 -20.71 6.55 -1.06
N SER E 93 -19.36 6.70 -1.10
CA SER E 93 -18.47 5.52 -1.30
C SER E 93 -18.44 4.66 -0.03
N THR E 94 -18.15 3.35 -0.16
CA THR E 94 -18.11 2.45 1.00
C THR E 94 -16.72 1.88 1.21
N ARG E 95 -15.84 2.05 0.22
CA ARG E 95 -14.45 1.58 0.24
C ARG E 95 -13.60 2.57 -0.55
N PRO E 96 -12.29 2.72 -0.23
CA PRO E 96 -11.46 3.67 -0.98
C PRO E 96 -11.44 3.37 -2.47
N VAL E 97 -11.58 4.43 -3.29
CA VAL E 97 -11.57 4.29 -4.74
C VAL E 97 -10.24 3.66 -5.18
N GLN E 98 -10.30 2.73 -6.16
CA GLN E 98 -9.13 2.05 -6.71
C GLN E 98 -8.75 2.69 -8.04
N VAL E 99 -7.51 3.22 -8.15
CA VAL E 99 -7.11 3.89 -9.38
C VAL E 99 -6.66 2.86 -10.43
N LEU E 100 -7.23 2.97 -11.65
CA LEU E 100 -6.95 2.04 -12.75
C LEU E 100 -6.14 2.68 -13.89
N SER E 101 -5.83 4.00 -13.82
CA SER E 101 -5.07 4.71 -14.86
C SER E 101 -3.82 5.44 -14.29
N PRO E 102 -2.80 5.76 -15.15
CA PRO E 102 -1.64 6.55 -14.69
C PRO E 102 -2.03 7.95 -14.20
N GLN E 103 -1.30 8.45 -13.18
CA GLN E 103 -1.54 9.77 -12.59
C GLN E 103 -0.78 10.83 -13.40
N ILE E 104 -1.22 11.01 -14.65
CA ILE E 104 -0.68 11.98 -15.60
C ILE E 104 -1.82 12.88 -16.09
N ALA E 105 -1.53 14.19 -16.18
CA ALA E 105 -2.45 15.22 -16.67
C ALA E 105 -1.81 15.94 -17.84
N VAL E 106 -2.62 16.57 -18.70
CA VAL E 106 -2.13 17.29 -19.85
C VAL E 106 -2.47 18.80 -19.70
N VAL E 107 -1.41 19.62 -19.73
CA VAL E 107 -1.44 21.08 -19.59
C VAL E 107 -1.29 21.74 -20.98
N THR E 108 -2.12 22.76 -21.29
CA THR E 108 -2.11 23.50 -22.55
C THR E 108 -1.67 24.95 -22.30
N HIS E 109 -1.09 25.60 -23.34
CA HIS E 109 -0.55 26.96 -23.32
C HIS E 109 -1.50 28.02 -22.74
N ASP E 110 -2.83 27.74 -22.70
CA ASP E 110 -3.85 28.66 -22.20
C ASP E 110 -4.07 28.50 -20.69
N GLY E 111 -3.32 27.60 -20.09
CA GLY E 111 -3.41 27.30 -18.67
C GLY E 111 -4.47 26.28 -18.33
N SER E 112 -5.12 25.71 -19.37
CA SER E 112 -6.15 24.70 -19.13
C SER E 112 -5.50 23.32 -18.89
N VAL E 113 -5.96 22.63 -17.85
CA VAL E 113 -5.47 21.32 -17.42
C VAL E 113 -6.56 20.27 -17.61
N MET E 114 -6.16 19.08 -18.04
CA MET E 114 -7.10 17.99 -18.18
C MET E 114 -6.57 16.77 -17.52
N PHE E 115 -7.40 16.16 -16.67
CA PHE E 115 -7.04 14.97 -15.91
C PHE E 115 -8.15 13.96 -16.05
N ILE E 116 -7.82 12.73 -16.51
CA ILE E 116 -8.85 11.73 -16.76
C ILE E 116 -8.63 10.46 -15.88
N PRO E 117 -8.86 10.52 -14.54
CA PRO E 117 -8.63 9.33 -13.72
C PRO E 117 -9.64 8.18 -13.91
N ALA E 118 -9.14 6.99 -14.31
CA ALA E 118 -9.98 5.78 -14.37
C ALA E 118 -10.03 5.16 -12.99
N GLN E 119 -11.21 4.66 -12.57
CA GLN E 119 -11.34 4.10 -11.22
C GLN E 119 -12.47 3.09 -11.04
N ARG E 120 -12.33 2.26 -9.99
CA ARG E 120 -13.32 1.29 -9.52
C ARG E 120 -13.91 1.84 -8.22
N LEU E 121 -15.24 2.07 -8.19
CA LEU E 121 -15.94 2.65 -7.04
C LEU E 121 -17.03 1.73 -6.48
N SER E 122 -17.04 1.56 -5.14
CA SER E 122 -18.05 0.83 -4.39
C SER E 122 -18.87 1.86 -3.65
N PHE E 123 -20.16 1.95 -3.98
CA PHE E 123 -21.00 2.96 -3.36
C PHE E 123 -22.34 2.37 -2.90
N MET E 124 -23.01 3.11 -2.01
CA MET E 124 -24.30 2.77 -1.44
C MET E 124 -25.38 2.87 -2.50
N CYS E 125 -26.01 1.71 -2.77
CA CYS E 125 -27.03 1.53 -3.80
C CYS E 125 -27.85 0.29 -3.49
N ASP E 126 -29.16 0.43 -3.29
CA ASP E 126 -30.05 -0.71 -3.03
C ASP E 126 -30.44 -1.32 -4.39
N PRO E 127 -29.99 -2.56 -4.68
CA PRO E 127 -30.24 -3.16 -5.99
C PRO E 127 -31.56 -3.93 -6.09
N THR E 128 -32.48 -3.73 -5.12
CA THR E 128 -33.77 -4.41 -5.08
C THR E 128 -34.53 -4.12 -6.39
N GLY E 129 -34.78 -5.18 -7.16
CA GLY E 129 -35.50 -5.09 -8.42
C GLY E 129 -34.67 -5.02 -9.68
N VAL E 130 -33.35 -5.27 -9.56
CA VAL E 130 -32.40 -5.28 -10.67
C VAL E 130 -32.75 -6.45 -11.65
N ASP E 131 -33.41 -7.50 -11.11
CA ASP E 131 -33.86 -8.73 -11.78
C ASP E 131 -35.11 -8.49 -12.62
N SER E 132 -35.78 -7.33 -12.45
CA SER E 132 -37.00 -6.99 -13.19
C SER E 132 -36.68 -6.34 -14.54
N GLU E 133 -37.71 -6.31 -15.42
CA GLU E 133 -37.66 -5.70 -16.75
C GLU E 133 -37.56 -4.17 -16.62
N GLU E 134 -38.19 -3.60 -15.55
CA GLU E 134 -38.17 -2.18 -15.20
C GLU E 134 -36.76 -1.73 -14.75
N GLY E 135 -36.04 -2.62 -14.06
CA GLY E 135 -34.70 -2.37 -13.51
C GLY E 135 -34.70 -1.60 -12.20
N VAL E 136 -33.50 -1.18 -11.76
CA VAL E 136 -33.31 -0.41 -10.52
C VAL E 136 -32.51 0.88 -10.84
N THR E 137 -32.73 1.96 -10.07
CA THR E 137 -32.05 3.23 -10.28
C THR E 137 -31.20 3.54 -9.05
N CYS E 138 -29.99 4.06 -9.28
CA CYS E 138 -29.04 4.41 -8.23
C CYS E 138 -28.26 5.66 -8.57
N ALA E 139 -27.85 6.39 -7.53
CA ALA E 139 -27.12 7.62 -7.70
C ALA E 139 -25.95 7.76 -6.74
N VAL E 140 -24.98 8.60 -7.10
CA VAL E 140 -23.80 8.94 -6.30
C VAL E 140 -23.38 10.40 -6.65
N LYS E 141 -23.17 11.23 -5.60
CA LYS E 141 -22.76 12.62 -5.76
C LYS E 141 -21.26 12.75 -5.70
N PHE E 142 -20.72 13.60 -6.56
CA PHE E 142 -19.29 13.87 -6.64
C PHE E 142 -19.06 15.36 -6.42
N GLY E 143 -18.08 15.72 -5.62
CA GLY E 143 -17.77 17.12 -5.36
C GLY E 143 -16.59 17.32 -4.43
N SER E 144 -16.21 18.59 -4.20
CA SER E 144 -15.09 18.89 -3.31
C SER E 144 -15.43 18.52 -1.87
N TRP E 145 -14.42 18.05 -1.16
CA TRP E 145 -14.60 17.68 0.24
C TRP E 145 -14.35 18.88 1.19
N VAL E 146 -13.52 19.86 0.74
CA VAL E 146 -13.14 21.01 1.56
C VAL E 146 -13.52 22.37 0.96
N TYR E 147 -13.55 22.52 -0.38
CA TYR E 147 -13.88 23.81 -1.00
C TYR E 147 -15.38 23.95 -1.23
N SER E 148 -15.91 25.15 -0.97
CA SER E 148 -17.33 25.46 -1.11
C SER E 148 -17.67 25.93 -2.53
N GLY E 149 -18.87 26.49 -2.70
CA GLY E 149 -19.33 26.98 -3.99
C GLY E 149 -18.58 28.23 -4.39
N PHE E 150 -18.27 29.06 -3.38
CA PHE E 150 -17.56 30.32 -3.54
C PHE E 150 -16.07 30.12 -3.85
N GLU E 151 -15.56 28.89 -3.75
CA GLU E 151 -14.17 28.55 -4.04
C GLU E 151 -14.11 27.65 -5.28
N ILE E 152 -14.83 26.51 -5.26
CA ILE E 152 -14.87 25.59 -6.41
C ILE E 152 -16.29 25.46 -6.92
N ASP E 153 -16.48 25.76 -8.20
CA ASP E 153 -17.75 25.61 -8.90
C ASP E 153 -17.62 24.42 -9.85
N LEU E 154 -18.70 23.68 -10.04
CA LEU E 154 -18.72 22.51 -10.93
C LEU E 154 -19.67 22.76 -12.08
N LYS E 155 -19.36 22.19 -13.26
CA LYS E 155 -20.20 22.26 -14.45
C LYS E 155 -20.02 20.99 -15.29
N THR E 156 -21.00 20.69 -16.16
CA THR E 156 -20.92 19.54 -17.07
C THR E 156 -21.10 20.02 -18.50
N ASP E 157 -20.34 19.44 -19.44
CA ASP E 157 -20.49 19.82 -20.84
C ASP E 157 -21.78 19.20 -21.43
N THR E 158 -22.29 18.14 -20.80
CA THR E 158 -23.53 17.45 -21.14
C THR E 158 -24.13 16.79 -19.89
N ASP E 159 -25.44 16.61 -19.89
CA ASP E 159 -26.14 15.93 -18.82
C ASP E 159 -26.19 14.41 -19.09
N GLN E 160 -25.74 13.96 -20.29
CA GLN E 160 -25.72 12.56 -20.69
C GLN E 160 -24.35 11.94 -20.47
N VAL E 161 -24.31 10.85 -19.69
CA VAL E 161 -23.10 10.10 -19.37
C VAL E 161 -22.66 9.35 -20.63
N ASP E 162 -21.35 9.33 -20.90
CA ASP E 162 -20.79 8.65 -22.06
C ASP E 162 -20.87 7.13 -21.87
N LEU E 163 -21.76 6.48 -22.63
CA LEU E 163 -21.92 5.03 -22.51
C LEU E 163 -21.36 4.32 -23.73
N SER E 164 -20.70 5.09 -24.63
CA SER E 164 -20.13 4.60 -25.88
C SER E 164 -19.08 3.50 -25.66
N SER E 165 -18.43 3.50 -24.50
CA SER E 165 -17.41 2.51 -24.19
C SER E 165 -17.89 1.54 -23.08
N TYR E 166 -19.22 1.44 -22.85
CA TYR E 166 -19.77 0.51 -21.85
C TYR E 166 -19.58 -0.92 -22.34
N TYR E 167 -19.19 -1.82 -21.42
CA TYR E 167 -18.91 -3.23 -21.66
C TYR E 167 -20.16 -3.96 -22.15
N ALA E 168 -20.12 -4.38 -23.42
CA ALA E 168 -21.24 -5.05 -24.09
C ALA E 168 -21.70 -6.33 -23.38
N SER E 169 -20.77 -7.16 -22.92
CA SER E 169 -21.12 -8.42 -22.29
C SER E 169 -21.15 -8.31 -20.73
N SER E 170 -21.52 -7.13 -20.19
CA SER E 170 -21.65 -6.91 -18.73
C SER E 170 -22.83 -7.70 -18.21
N LYS E 171 -22.81 -8.09 -16.92
CA LYS E 171 -23.96 -8.80 -16.34
C LYS E 171 -25.18 -7.86 -16.20
N TYR E 172 -24.94 -6.53 -16.33
CA TYR E 172 -25.94 -5.49 -16.19
C TYR E 172 -26.00 -4.53 -17.38
N GLU E 173 -27.23 -4.34 -17.93
CA GLU E 173 -27.55 -3.41 -19.02
C GLU E 173 -27.79 -2.00 -18.47
N ILE E 174 -27.32 -0.94 -19.16
CA ILE E 174 -27.65 0.43 -18.70
C ILE E 174 -28.92 0.85 -19.40
N LEU E 175 -29.90 1.28 -18.63
CA LEU E 175 -31.16 1.74 -19.20
C LEU E 175 -31.06 3.25 -19.47
N SER E 176 -30.36 3.98 -18.57
CA SER E 176 -30.08 5.41 -18.67
C SER E 176 -28.96 5.78 -17.70
N ALA E 177 -28.20 6.82 -18.04
CA ALA E 177 -27.11 7.35 -17.21
C ALA E 177 -27.05 8.85 -17.41
N THR E 178 -27.16 9.57 -16.30
CA THR E 178 -27.27 11.02 -16.24
C THR E 178 -26.24 11.67 -15.30
N GLN E 179 -25.77 12.85 -15.69
CA GLN E 179 -24.84 13.64 -14.87
C GLN E 179 -25.44 15.05 -14.72
N THR E 180 -25.91 15.37 -13.51
CA THR E 180 -26.59 16.64 -13.24
C THR E 180 -25.95 17.43 -12.12
N ARG E 181 -25.72 18.74 -12.39
CA ARG E 181 -25.13 19.64 -11.40
C ARG E 181 -26.15 19.95 -10.35
N GLN E 182 -25.73 19.96 -9.09
CA GLN E 182 -26.60 20.25 -7.96
C GLN E 182 -25.96 21.26 -7.04
N VAL E 183 -26.77 22.13 -6.45
CA VAL E 183 -26.31 23.09 -5.46
C VAL E 183 -27.07 22.75 -4.17
N GLN E 184 -26.34 22.22 -3.20
CA GLN E 184 -26.90 21.78 -1.92
C GLN E 184 -26.45 22.67 -0.78
N HIS E 185 -27.14 22.55 0.35
CA HIS E 185 -26.82 23.30 1.56
C HIS E 185 -26.71 22.33 2.70
N TYR E 186 -25.59 22.38 3.43
CA TYR E 186 -25.34 21.48 4.55
C TYR E 186 -25.30 22.30 5.84
N SER E 187 -25.65 21.67 6.99
CA SER E 187 -25.73 22.32 8.32
C SER E 187 -24.38 22.92 8.74
N CYS E 188 -23.29 22.18 8.47
CA CYS E 188 -21.88 22.48 8.74
C CYS E 188 -21.47 23.89 8.39
N CYS E 189 -21.98 24.38 7.26
CA CYS E 189 -21.47 25.54 6.57
C CYS E 189 -22.56 26.48 6.05
N PRO E 190 -22.34 27.80 6.25
CA PRO E 190 -23.33 28.80 5.78
C PRO E 190 -23.35 29.02 4.26
N GLU E 191 -22.28 28.58 3.57
CA GLU E 191 -22.10 28.75 2.13
C GLU E 191 -22.57 27.50 1.36
N PRO E 192 -23.08 27.67 0.10
CA PRO E 192 -23.56 26.50 -0.65
C PRO E 192 -22.43 25.65 -1.19
N TYR E 193 -22.65 24.34 -1.12
CA TYR E 193 -21.73 23.35 -1.68
C TYR E 193 -22.34 22.85 -2.98
N ILE E 194 -21.49 22.56 -3.95
CA ILE E 194 -22.02 22.16 -5.23
C ILE E 194 -21.38 20.80 -5.63
N ASP E 195 -22.20 19.94 -6.27
CA ASP E 195 -21.79 18.61 -6.70
C ASP E 195 -22.40 18.20 -8.05
N VAL E 196 -21.97 17.06 -8.59
CA VAL E 196 -22.49 16.49 -9.83
C VAL E 196 -23.08 15.14 -9.46
N ASN E 197 -24.40 15.00 -9.72
CA ASN E 197 -25.11 13.77 -9.39
C ASN E 197 -25.11 12.78 -10.56
N LEU E 198 -24.45 11.62 -10.35
CA LEU E 198 -24.36 10.52 -11.30
C LEU E 198 -25.52 9.58 -11.03
N VAL E 199 -26.50 9.52 -11.95
CA VAL E 199 -27.69 8.69 -11.77
C VAL E 199 -27.78 7.64 -12.86
N VAL E 200 -27.70 6.36 -12.47
CA VAL E 200 -27.76 5.28 -13.44
C VAL E 200 -28.91 4.26 -13.14
N LYS E 201 -29.82 4.10 -14.13
CA LYS E 201 -30.91 3.13 -14.14
C LYS E 201 -30.40 1.92 -14.93
N PHE E 202 -30.38 0.75 -14.29
CA PHE E 202 -29.83 -0.47 -14.87
C PHE E 202 -30.64 -1.71 -14.49
N ARG E 203 -30.33 -2.82 -15.15
CA ARG E 203 -30.97 -4.11 -14.89
C ARG E 203 -30.07 -5.26 -15.32
N GLU E 204 -30.22 -6.44 -14.68
CA GLU E 204 -29.45 -7.62 -15.08
C GLU E 204 -30.02 -8.12 -16.44
N ARG E 205 -29.17 -8.65 -17.33
CA ARG E 205 -29.52 -9.16 -18.66
C ARG E 205 -30.74 -10.12 -18.62
#